data_3A8Y
#
_entry.id   3A8Y
#
_cell.length_a   64.108
_cell.length_b   84.266
_cell.length_c   96.632
_cell.angle_alpha   90.00
_cell.angle_beta   100.73
_cell.angle_gamma   90.00
#
_symmetry.space_group_name_H-M   'P 1 21 1'
#
loop_
_entity.id
_entity.type
_entity.pdbx_description
1 polymer 'Heat shock 70 kDa protein 1'
2 polymer 'BAG family molecular chaperone regulator 5'
3 non-polymer 2-AMINO-2-HYDROXYMETHYL-PROPANE-1,3-DIOL
4 water water
#
loop_
_entity_poly.entity_id
_entity_poly.type
_entity_poly.pdbx_seq_one_letter_code
_entity_poly.pdbx_strand_id
1 'polypeptide(L)'
;GSFTMAKAAAIGIDLGTTYSCVGVFQHGKVEIIANDQGNRTTPSYVAFTDTERLIGDAAKNQVALNPQNTVFDAKRLIGR
KFGDPVVQSDMKHWPFQVINDGDKPKVQVSYKGETKAFYPEEISSMVLTKMKEIAEAYLGYPVTNAVITVPAYFNDSQRQ
ATKDAGVIAGLNVLRIINEPTAAAIAYGLDRTGKGERNVLIFDLGGGTFDVSILTIDDGIFEVKATAGDTHLGGEDFDNR
LVNHFVEEFKRKHKKDISQNKRAVRRLRTACERAKRTLSSSTQASLEIDSLFEGIDFYTSITRARFEELCSDLFRSTLEP
VEKALRDAKLDKAQIHDLVLVGGSTRIPKVQKLLQDFFNGRDLNKSINPDEAVAYGAAVQAAILMGDKSENV
;
A,B
2 'polypeptide(L)'
;GSSGSSGTLITYIDLKEALEKRKLFACEEHPSHKAVWNVLGNLSEIQGEVLSFDGNRTDKNYIRLEELLTKQLLALDAVD
PQGEEKCKAARKQAVRLAQNILSYLDLKSDEWEYCKAARKQAVRLAQNILSYLDLKSDEWEY
;
C,D
#
# COMPACT_ATOMS: atom_id res chain seq x y z
N PHE A 3 -19.17 -49.68 -16.46
CA PHE A 3 -20.12 -49.03 -15.51
C PHE A 3 -21.55 -49.49 -15.79
N THR A 4 -22.14 -49.00 -16.87
CA THR A 4 -23.50 -49.36 -17.22
C THR A 4 -23.61 -50.28 -18.41
N MET A 5 -24.77 -50.92 -18.53
CA MET A 5 -25.05 -51.84 -19.62
C MET A 5 -26.34 -51.38 -20.31
N ALA A 6 -26.80 -50.19 -19.90
CA ALA A 6 -28.01 -49.60 -20.46
C ALA A 6 -27.71 -48.13 -20.75
N LYS A 7 -26.79 -47.92 -21.67
CA LYS A 7 -26.34 -46.58 -22.05
C LYS A 7 -27.46 -45.61 -22.47
N ALA A 8 -27.17 -44.32 -22.31
CA ALA A 8 -28.09 -43.26 -22.66
C ALA A 8 -28.04 -43.14 -24.18
N ALA A 9 -29.20 -42.95 -24.80
CA ALA A 9 -29.29 -42.86 -26.24
C ALA A 9 -29.09 -41.46 -26.86
N ALA A 10 -29.21 -40.42 -26.06
CA ALA A 10 -29.06 -39.06 -26.58
C ALA A 10 -29.05 -37.99 -25.51
N ILE A 11 -28.49 -36.83 -25.85
CA ILE A 11 -28.42 -35.72 -24.93
C ILE A 11 -29.27 -34.55 -25.45
N GLY A 12 -29.60 -33.63 -24.56
CA GLY A 12 -30.38 -32.47 -24.93
C GLY A 12 -29.53 -31.28 -24.59
N ILE A 13 -29.36 -30.36 -25.53
CA ILE A 13 -28.52 -29.19 -25.29
C ILE A 13 -29.21 -27.85 -25.44
N ASP A 14 -29.00 -26.98 -24.44
CA ASP A 14 -29.52 -25.63 -24.45
C ASP A 14 -28.32 -24.77 -24.86
N LEU A 15 -28.26 -24.45 -26.15
CA LEU A 15 -27.17 -23.66 -26.71
C LEU A 15 -27.57 -22.20 -26.47
N GLY A 16 -27.19 -21.69 -25.30
CA GLY A 16 -27.54 -20.33 -24.93
C GLY A 16 -26.61 -19.24 -25.42
N THR A 17 -27.11 -18.01 -25.41
CA THR A 17 -26.33 -16.87 -25.86
C THR A 17 -25.10 -16.72 -25.00
N THR A 18 -25.29 -16.68 -23.69
CA THR A 18 -24.19 -16.52 -22.74
C THR A 18 -23.72 -17.83 -22.11
N TYR A 19 -24.62 -18.80 -21.94
CA TYR A 19 -24.22 -20.07 -21.35
C TYR A 19 -25.00 -21.24 -21.97
N SER A 20 -24.35 -22.39 -22.03
CA SER A 20 -24.99 -23.58 -22.58
C SER A 20 -25.16 -24.61 -21.46
N CYS A 21 -26.13 -25.50 -21.63
CA CYS A 21 -26.42 -26.49 -20.61
C CYS A 21 -26.75 -27.82 -21.28
N VAL A 22 -26.33 -28.92 -20.69
CA VAL A 22 -26.60 -30.22 -21.29
C VAL A 22 -27.15 -31.19 -20.28
N GLY A 23 -28.15 -31.95 -20.71
CA GLY A 23 -28.75 -32.93 -19.82
C GLY A 23 -28.97 -34.23 -20.56
N VAL A 24 -29.10 -35.31 -19.79
CA VAL A 24 -29.31 -36.62 -20.37
C VAL A 24 -30.32 -37.42 -19.55
N PHE A 25 -31.20 -38.10 -20.26
CA PHE A 25 -32.21 -38.93 -19.64
C PHE A 25 -31.59 -40.32 -19.55
N GLN A 26 -31.51 -40.88 -18.35
CA GLN A 26 -30.98 -42.21 -18.13
C GLN A 26 -31.57 -42.81 -16.86
N HIS A 27 -31.52 -44.14 -16.77
CA HIS A 27 -32.07 -44.84 -15.63
C HIS A 27 -33.37 -44.15 -15.20
N GLY A 28 -34.25 -43.92 -16.16
CA GLY A 28 -35.55 -43.31 -15.91
C GLY A 28 -35.59 -41.88 -15.40
N LYS A 29 -34.45 -41.18 -15.40
CA LYS A 29 -34.41 -39.81 -14.92
C LYS A 29 -33.54 -38.89 -15.80
N VAL A 30 -33.71 -37.59 -15.67
CA VAL A 30 -32.90 -36.66 -16.45
C VAL A 30 -31.90 -35.96 -15.53
N GLU A 31 -30.65 -35.96 -15.93
CA GLU A 31 -29.59 -35.33 -15.15
C GLU A 31 -28.92 -34.23 -15.95
N ILE A 32 -28.71 -33.08 -15.29
CA ILE A 32 -28.03 -31.98 -15.93
C ILE A 32 -26.58 -32.32 -15.63
N ILE A 33 -25.72 -32.27 -16.63
CA ILE A 33 -24.32 -32.64 -16.43
C ILE A 33 -23.36 -31.50 -16.16
N ALA A 34 -22.56 -31.65 -15.10
CA ALA A 34 -21.57 -30.65 -14.70
C ALA A 34 -20.28 -30.82 -15.50
N ASN A 35 -19.63 -29.70 -15.80
CA ASN A 35 -18.38 -29.71 -16.57
C ASN A 35 -17.16 -30.04 -15.70
N ASP A 36 -15.96 -29.91 -16.27
CA ASP A 36 -14.72 -30.21 -15.55
C ASP A 36 -14.57 -29.42 -14.25
N GLN A 37 -15.17 -28.24 -14.19
CA GLN A 37 -15.06 -27.43 -12.99
C GLN A 37 -16.29 -27.62 -12.10
N GLY A 38 -17.06 -28.66 -12.39
CA GLY A 38 -18.26 -28.94 -11.61
C GLY A 38 -19.37 -27.93 -11.78
N ASN A 39 -19.43 -27.27 -12.93
CA ASN A 39 -20.49 -26.29 -13.17
C ASN A 39 -21.61 -26.85 -14.03
N ARG A 40 -22.85 -26.67 -13.58
CA ARG A 40 -24.03 -27.17 -14.28
C ARG A 40 -24.26 -26.44 -15.60
N THR A 41 -23.58 -25.31 -15.80
CA THR A 41 -23.69 -24.55 -17.05
C THR A 41 -22.30 -24.13 -17.51
N THR A 42 -22.14 -24.03 -18.82
CA THR A 42 -20.86 -23.65 -19.40
C THR A 42 -20.98 -22.39 -20.24
N PRO A 43 -20.18 -21.36 -19.93
CA PRO A 43 -20.26 -20.13 -20.71
C PRO A 43 -20.07 -20.46 -22.18
N SER A 44 -20.81 -19.80 -23.05
CA SER A 44 -20.69 -20.04 -24.47
C SER A 44 -19.56 -19.20 -25.02
N TYR A 45 -18.37 -19.38 -24.46
CA TYR A 45 -17.19 -18.63 -24.86
C TYR A 45 -16.10 -19.45 -25.55
N VAL A 46 -15.45 -18.83 -26.53
CA VAL A 46 -14.36 -19.45 -27.25
C VAL A 46 -13.24 -18.40 -27.33
N ALA A 47 -12.12 -18.71 -26.69
CA ALA A 47 -10.98 -17.79 -26.68
C ALA A 47 -9.82 -18.37 -27.47
N PHE A 48 -9.20 -17.53 -28.29
CA PHE A 48 -8.07 -17.98 -29.09
C PHE A 48 -6.76 -17.35 -28.63
N THR A 49 -6.00 -18.07 -27.81
CA THR A 49 -4.71 -17.60 -27.33
C THR A 49 -3.67 -17.89 -28.41
N ASP A 50 -2.43 -17.51 -28.15
CA ASP A 50 -1.36 -17.74 -29.11
C ASP A 50 -0.79 -19.15 -28.95
N THR A 51 -1.14 -19.80 -27.84
CA THR A 51 -0.66 -21.15 -27.57
C THR A 51 -1.76 -22.22 -27.67
N GLU A 52 -3.02 -21.80 -27.66
CA GLU A 52 -4.14 -22.74 -27.74
C GLU A 52 -5.49 -22.08 -27.92
N ARG A 53 -6.54 -22.89 -27.78
CA ARG A 53 -7.92 -22.42 -27.94
C ARG A 53 -8.73 -22.86 -26.72
N LEU A 54 -9.43 -21.92 -26.11
CA LEU A 54 -10.23 -22.20 -24.92
C LEU A 54 -11.74 -22.03 -25.16
N ILE A 55 -12.54 -22.86 -24.49
CA ILE A 55 -14.00 -22.83 -24.61
C ILE A 55 -14.60 -22.97 -23.21
N GLY A 56 -15.71 -22.28 -22.95
CA GLY A 56 -16.34 -22.39 -21.66
C GLY A 56 -15.70 -21.57 -20.55
N ASP A 57 -15.69 -22.11 -19.33
CA ASP A 57 -15.12 -21.40 -18.20
C ASP A 57 -13.71 -20.87 -18.46
N ALA A 58 -12.82 -21.74 -18.93
CA ALA A 58 -11.45 -21.33 -19.21
C ALA A 58 -11.44 -20.04 -20.04
N ALA A 59 -12.24 -20.03 -21.10
CA ALA A 59 -12.33 -18.86 -21.97
C ALA A 59 -12.84 -17.66 -21.19
N LYS A 60 -13.94 -17.84 -20.47
CA LYS A 60 -14.51 -16.73 -19.68
C LYS A 60 -13.44 -16.12 -18.77
N ASN A 61 -12.89 -16.95 -17.88
CA ASN A 61 -11.88 -16.53 -16.91
C ASN A 61 -10.83 -15.55 -17.45
N GLN A 62 -10.15 -15.94 -18.51
CA GLN A 62 -9.09 -15.13 -19.10
C GLN A 62 -9.59 -14.00 -19.99
N VAL A 63 -10.90 -13.77 -19.99
CA VAL A 63 -11.46 -12.73 -20.84
C VAL A 63 -10.72 -11.40 -20.72
N ALA A 64 -10.58 -10.90 -19.50
CA ALA A 64 -9.88 -9.63 -19.27
C ALA A 64 -8.51 -9.59 -19.94
N LEU A 65 -7.80 -10.71 -19.91
CA LEU A 65 -6.46 -10.79 -20.50
C LEU A 65 -6.45 -10.75 -22.03
N ASN A 66 -7.53 -11.20 -22.66
CA ASN A 66 -7.57 -11.21 -24.12
C ASN A 66 -8.95 -10.88 -24.69
N PRO A 67 -9.48 -9.69 -24.37
CA PRO A 67 -10.80 -9.31 -24.88
C PRO A 67 -10.86 -9.27 -26.40
N GLN A 68 -9.71 -9.10 -27.04
CA GLN A 68 -9.66 -9.02 -28.49
C GLN A 68 -9.90 -10.34 -29.20
N ASN A 69 -9.53 -11.44 -28.57
CA ASN A 69 -9.69 -12.74 -29.20
C ASN A 69 -10.54 -13.72 -28.41
N THR A 70 -11.38 -13.19 -27.52
CA THR A 70 -12.26 -14.01 -26.71
C THR A 70 -13.68 -13.83 -27.22
N VAL A 71 -14.08 -14.72 -28.12
CA VAL A 71 -15.39 -14.67 -28.74
C VAL A 71 -16.54 -15.16 -27.87
N PHE A 72 -17.71 -14.59 -28.12
CA PHE A 72 -18.93 -14.95 -27.39
C PHE A 72 -20.09 -14.31 -28.13
N ASP A 73 -21.32 -14.59 -27.69
CA ASP A 73 -22.51 -14.02 -28.32
C ASP A 73 -22.68 -14.40 -29.80
N ALA A 74 -22.00 -15.46 -30.23
CA ALA A 74 -22.09 -15.91 -31.61
C ALA A 74 -23.52 -16.30 -31.98
N LYS A 75 -24.38 -16.45 -30.98
CA LYS A 75 -25.77 -16.81 -31.22
C LYS A 75 -26.51 -15.63 -31.83
N ARG A 76 -26.07 -14.41 -31.50
CA ARG A 76 -26.70 -13.21 -32.03
C ARG A 76 -26.42 -13.07 -33.53
N LEU A 77 -25.36 -13.74 -34.00
CA LEU A 77 -24.99 -13.68 -35.41
C LEU A 77 -25.38 -14.90 -36.23
N ILE A 78 -25.33 -16.08 -35.61
CA ILE A 78 -25.64 -17.34 -36.28
C ILE A 78 -26.89 -17.32 -37.17
N GLY A 79 -26.69 -17.66 -38.44
CA GLY A 79 -27.79 -17.69 -39.39
C GLY A 79 -28.16 -16.35 -40.02
N ARG A 80 -27.57 -15.26 -39.55
CA ARG A 80 -27.89 -13.94 -40.09
C ARG A 80 -26.94 -13.46 -41.18
N LYS A 81 -27.48 -12.64 -42.08
CA LYS A 81 -26.70 -12.08 -43.17
C LYS A 81 -25.92 -10.87 -42.67
N PHE A 82 -24.72 -10.67 -43.18
CA PHE A 82 -23.89 -9.54 -42.75
C PHE A 82 -24.67 -8.23 -42.90
N GLY A 83 -25.54 -8.18 -43.89
CA GLY A 83 -26.33 -6.98 -44.13
C GLY A 83 -27.51 -6.89 -43.17
N ASP A 84 -27.62 -7.88 -42.29
CA ASP A 84 -28.69 -7.92 -41.31
C ASP A 84 -28.53 -6.71 -40.40
N PRO A 85 -29.61 -5.99 -40.12
CA PRO A 85 -29.57 -4.81 -39.26
C PRO A 85 -28.95 -5.05 -37.88
N VAL A 86 -29.48 -6.04 -37.16
CA VAL A 86 -28.98 -6.35 -35.82
C VAL A 86 -27.48 -6.60 -35.78
N VAL A 87 -26.94 -7.25 -36.82
CA VAL A 87 -25.52 -7.52 -36.87
C VAL A 87 -24.79 -6.19 -36.72
N GLN A 88 -25.37 -5.16 -37.35
CA GLN A 88 -24.81 -3.81 -37.33
C GLN A 88 -24.90 -3.15 -35.96
N SER A 89 -26.05 -3.28 -35.30
CA SER A 89 -26.24 -2.68 -33.98
C SER A 89 -25.28 -3.31 -32.96
N ASP A 90 -25.19 -4.63 -32.99
CA ASP A 90 -24.33 -5.39 -32.08
C ASP A 90 -22.87 -5.32 -32.56
N MET A 91 -22.68 -4.82 -33.77
CA MET A 91 -21.37 -4.70 -34.40
C MET A 91 -20.19 -4.40 -33.49
N LYS A 92 -19.87 -3.12 -33.33
CA LYS A 92 -18.74 -2.69 -32.50
C LYS A 92 -18.93 -2.88 -31.01
N HIS A 93 -20.13 -3.27 -30.60
CA HIS A 93 -20.38 -3.48 -29.17
C HIS A 93 -19.57 -4.65 -28.60
N TRP A 94 -18.81 -5.32 -29.46
CA TRP A 94 -17.97 -6.44 -29.04
C TRP A 94 -16.50 -6.06 -29.21
N PRO A 95 -15.65 -6.47 -28.27
CA PRO A 95 -14.21 -6.15 -28.35
C PRO A 95 -13.52 -6.96 -29.44
N PHE A 96 -14.20 -7.96 -29.99
CA PHE A 96 -13.62 -8.76 -31.05
C PHE A 96 -14.11 -8.27 -32.40
N GLN A 97 -13.41 -8.66 -33.46
CA GLN A 97 -13.80 -8.24 -34.80
C GLN A 97 -14.87 -9.12 -35.42
N VAL A 98 -15.73 -8.48 -36.21
CA VAL A 98 -16.82 -9.14 -36.92
C VAL A 98 -16.80 -8.58 -38.34
N ILE A 99 -16.19 -9.35 -39.26
CA ILE A 99 -16.08 -8.94 -40.65
C ILE A 99 -17.13 -9.56 -41.58
N ASN A 100 -17.07 -9.17 -42.84
CA ASN A 100 -17.98 -9.67 -43.87
C ASN A 100 -17.26 -10.62 -44.82
N ASP A 101 -18.05 -11.43 -45.53
CA ASP A 101 -17.50 -12.38 -46.48
C ASP A 101 -18.64 -12.94 -47.33
N GLY A 102 -18.93 -12.28 -48.43
CA GLY A 102 -20.01 -12.74 -49.29
C GLY A 102 -21.31 -12.58 -48.54
N ASP A 103 -21.34 -11.59 -47.67
CA ASP A 103 -22.51 -11.27 -46.84
C ASP A 103 -22.68 -12.23 -45.65
N LYS A 104 -21.64 -13.04 -45.40
CA LYS A 104 -21.65 -13.98 -44.29
C LYS A 104 -20.69 -13.44 -43.24
N PRO A 105 -21.22 -13.04 -42.07
CA PRO A 105 -20.33 -12.51 -41.03
C PRO A 105 -19.32 -13.55 -40.56
N LYS A 106 -18.24 -13.06 -39.95
CA LYS A 106 -17.20 -13.92 -39.41
C LYS A 106 -16.53 -13.16 -38.29
N VAL A 107 -16.06 -13.88 -37.28
CA VAL A 107 -15.40 -13.24 -36.14
C VAL A 107 -13.91 -13.31 -36.39
N GLN A 108 -13.27 -12.16 -36.51
CA GLN A 108 -11.84 -12.12 -36.78
C GLN A 108 -11.04 -12.02 -35.49
N VAL A 109 -10.23 -13.05 -35.26
CA VAL A 109 -9.39 -13.12 -34.07
C VAL A 109 -7.97 -13.55 -34.46
N SER A 110 -7.02 -13.33 -33.55
CA SER A 110 -5.65 -13.72 -33.78
C SER A 110 -5.37 -15.01 -33.01
N TYR A 111 -5.38 -16.13 -33.72
CA TYR A 111 -5.14 -17.43 -33.09
C TYR A 111 -3.77 -18.00 -33.43
N LYS A 112 -2.91 -18.12 -32.41
CA LYS A 112 -1.56 -18.64 -32.57
C LYS A 112 -0.75 -17.83 -33.58
N GLY A 113 -0.33 -16.64 -33.15
CA GLY A 113 0.48 -15.78 -34.00
C GLY A 113 -0.26 -15.15 -35.17
N GLU A 114 -0.59 -15.99 -36.15
CA GLU A 114 -1.29 -15.53 -37.35
C GLU A 114 -2.73 -15.09 -37.05
N THR A 115 -3.52 -14.92 -38.10
CA THR A 115 -4.91 -14.50 -37.95
C THR A 115 -5.89 -15.56 -38.48
N LYS A 116 -7.03 -15.66 -37.82
CA LYS A 116 -8.06 -16.63 -38.20
C LYS A 116 -9.44 -15.97 -38.19
N ALA A 117 -10.36 -16.57 -38.93
CA ALA A 117 -11.73 -16.08 -39.03
C ALA A 117 -12.67 -17.27 -39.15
N PHE A 118 -13.71 -17.28 -38.32
CA PHE A 118 -14.67 -18.38 -38.34
C PHE A 118 -16.10 -17.84 -38.44
N TYR A 119 -16.98 -18.62 -39.03
CA TYR A 119 -18.37 -18.21 -39.13
C TYR A 119 -18.99 -18.46 -37.76
N PRO A 120 -20.21 -17.94 -37.52
CA PRO A 120 -20.85 -18.15 -36.21
C PRO A 120 -21.09 -19.62 -35.88
N GLU A 121 -21.60 -20.40 -36.84
CA GLU A 121 -21.86 -21.82 -36.58
C GLU A 121 -20.60 -22.59 -36.26
N GLU A 122 -19.45 -22.08 -36.66
CA GLU A 122 -18.19 -22.75 -36.37
C GLU A 122 -17.83 -22.59 -34.91
N ILE A 123 -18.04 -21.39 -34.39
CA ILE A 123 -17.74 -21.09 -32.99
C ILE A 123 -18.74 -21.79 -32.10
N SER A 124 -19.97 -21.94 -32.60
CA SER A 124 -21.01 -22.62 -31.86
C SER A 124 -20.77 -24.11 -31.88
N SER A 125 -20.11 -24.60 -32.93
CA SER A 125 -19.80 -26.02 -33.03
C SER A 125 -18.77 -26.32 -31.96
N MET A 126 -17.91 -25.34 -31.70
CA MET A 126 -16.89 -25.50 -30.69
C MET A 126 -17.60 -25.61 -29.34
N VAL A 127 -18.49 -24.66 -29.06
CA VAL A 127 -19.22 -24.69 -27.79
C VAL A 127 -19.92 -26.04 -27.67
N LEU A 128 -20.62 -26.45 -28.72
CA LEU A 128 -21.34 -27.73 -28.70
C LEU A 128 -20.39 -28.91 -28.50
N THR A 129 -19.18 -28.82 -29.04
CA THR A 129 -18.23 -29.91 -28.88
C THR A 129 -17.88 -30.06 -27.39
N LYS A 130 -17.76 -28.93 -26.71
CA LYS A 130 -17.43 -28.95 -25.29
C LYS A 130 -18.56 -29.64 -24.53
N MET A 131 -19.80 -29.29 -24.84
CA MET A 131 -20.95 -29.89 -24.18
C MET A 131 -21.03 -31.38 -24.52
N LYS A 132 -20.71 -31.71 -25.77
CA LYS A 132 -20.70 -33.11 -26.21
C LYS A 132 -19.71 -33.90 -25.36
N GLU A 133 -18.52 -33.34 -25.18
CA GLU A 133 -17.46 -33.97 -24.40
C GLU A 133 -17.76 -33.97 -22.90
N ILE A 134 -18.42 -32.92 -22.43
CA ILE A 134 -18.79 -32.84 -21.02
C ILE A 134 -19.66 -34.07 -20.69
N ALA A 135 -20.66 -34.30 -21.53
CA ALA A 135 -21.58 -35.42 -21.36
C ALA A 135 -20.87 -36.76 -21.50
N GLU A 136 -20.02 -36.89 -22.51
CA GLU A 136 -19.30 -38.14 -22.70
C GLU A 136 -18.38 -38.40 -21.51
N ALA A 137 -17.81 -37.33 -20.97
CA ALA A 137 -16.91 -37.45 -19.83
C ALA A 137 -17.65 -38.05 -18.65
N TYR A 138 -18.88 -37.59 -18.43
CA TYR A 138 -19.67 -38.08 -17.32
C TYR A 138 -20.33 -39.43 -17.59
N LEU A 139 -20.73 -39.68 -18.82
CA LEU A 139 -21.40 -40.94 -19.12
C LEU A 139 -20.45 -42.13 -19.25
N GLY A 140 -19.22 -41.88 -19.67
CA GLY A 140 -18.27 -42.97 -19.82
C GLY A 140 -18.42 -43.68 -21.16
N TYR A 141 -18.75 -42.92 -22.20
CA TYR A 141 -18.90 -43.46 -23.54
C TYR A 141 -19.23 -42.36 -24.54
N PRO A 142 -19.08 -42.65 -25.84
CA PRO A 142 -19.36 -41.65 -26.87
C PRO A 142 -20.84 -41.30 -26.95
N VAL A 143 -21.10 -40.03 -27.27
CA VAL A 143 -22.45 -39.52 -27.41
C VAL A 143 -22.51 -38.80 -28.75
N THR A 144 -23.53 -39.10 -29.55
CA THR A 144 -23.66 -38.46 -30.84
C THR A 144 -25.05 -37.90 -31.09
N ASN A 145 -26.06 -38.54 -30.50
CA ASN A 145 -27.44 -38.10 -30.69
C ASN A 145 -27.83 -36.99 -29.74
N ALA A 146 -28.47 -35.96 -30.29
CA ALA A 146 -28.87 -34.82 -29.48
C ALA A 146 -30.02 -34.05 -30.05
N VAL A 147 -30.59 -33.22 -29.18
CA VAL A 147 -31.67 -32.32 -29.53
C VAL A 147 -31.14 -30.98 -29.08
N ILE A 148 -31.18 -30.00 -29.98
CA ILE A 148 -30.70 -28.66 -29.68
C ILE A 148 -31.85 -27.67 -29.72
N THR A 149 -31.85 -26.74 -28.76
CA THR A 149 -32.90 -25.74 -28.67
C THR A 149 -32.50 -24.40 -29.29
N VAL A 150 -33.50 -23.68 -29.78
CA VAL A 150 -33.28 -22.36 -30.38
C VAL A 150 -34.46 -21.50 -29.97
N PRO A 151 -34.29 -20.16 -30.00
CA PRO A 151 -35.40 -19.28 -29.63
C PRO A 151 -36.53 -19.53 -30.62
N ALA A 152 -37.76 -19.34 -30.17
CA ALA A 152 -38.93 -19.58 -31.00
C ALA A 152 -39.04 -18.60 -32.17
N TYR A 153 -38.41 -17.44 -32.07
CA TYR A 153 -38.46 -16.47 -33.15
C TYR A 153 -37.39 -16.72 -34.21
N PHE A 154 -36.52 -17.70 -33.98
CA PHE A 154 -35.47 -18.01 -34.95
C PHE A 154 -36.10 -18.44 -36.29
N ASN A 155 -35.43 -18.13 -37.40
CA ASN A 155 -35.96 -18.51 -38.71
C ASN A 155 -35.18 -19.70 -39.30
N ASP A 156 -35.75 -20.29 -40.34
CA ASP A 156 -35.16 -21.44 -41.03
C ASP A 156 -33.66 -21.36 -41.22
N SER A 157 -33.16 -20.22 -41.66
CA SER A 157 -31.73 -20.05 -41.87
C SER A 157 -30.97 -20.09 -40.55
N GLN A 158 -31.57 -19.50 -39.53
CA GLN A 158 -30.96 -19.47 -38.20
C GLN A 158 -30.97 -20.86 -37.60
N ARG A 159 -32.08 -21.57 -37.82
CA ARG A 159 -32.24 -22.92 -37.30
C ARG A 159 -31.31 -23.89 -38.02
N GLN A 160 -31.21 -23.76 -39.34
CA GLN A 160 -30.34 -24.63 -40.13
C GLN A 160 -28.88 -24.44 -39.73
N ALA A 161 -28.48 -23.20 -39.50
CA ALA A 161 -27.10 -22.92 -39.11
C ALA A 161 -26.81 -23.54 -37.73
N THR A 162 -27.82 -23.54 -36.86
CA THR A 162 -27.64 -24.13 -35.55
C THR A 162 -27.44 -25.62 -35.74
N LYS A 163 -28.21 -26.21 -36.65
CA LYS A 163 -28.09 -27.63 -36.93
C LYS A 163 -26.71 -27.88 -37.57
N ASP A 164 -26.35 -27.06 -38.56
CA ASP A 164 -25.05 -27.21 -39.20
C ASP A 164 -23.98 -27.21 -38.12
N ALA A 165 -24.17 -26.36 -37.11
CA ALA A 165 -23.22 -26.23 -36.00
C ALA A 165 -23.06 -27.53 -35.21
N GLY A 166 -24.15 -28.28 -35.09
CA GLY A 166 -24.10 -29.54 -34.36
C GLY A 166 -23.46 -30.65 -35.19
N VAL A 167 -23.71 -30.65 -36.49
CA VAL A 167 -23.14 -31.65 -37.38
C VAL A 167 -21.62 -31.51 -37.45
N ILE A 168 -21.16 -30.27 -37.49
CA ILE A 168 -19.74 -29.96 -37.56
C ILE A 168 -19.06 -30.47 -36.29
N ALA A 169 -19.86 -30.64 -35.24
CA ALA A 169 -19.37 -31.10 -33.96
C ALA A 169 -19.47 -32.61 -33.75
N GLY A 170 -19.90 -33.33 -34.78
CA GLY A 170 -20.02 -34.77 -34.67
C GLY A 170 -21.33 -35.22 -34.07
N LEU A 171 -22.27 -34.29 -33.94
CA LEU A 171 -23.56 -34.63 -33.38
C LEU A 171 -24.55 -35.01 -34.46
N ASN A 172 -25.36 -36.03 -34.17
CA ASN A 172 -26.41 -36.45 -35.08
C ASN A 172 -27.64 -35.75 -34.48
N VAL A 173 -27.99 -34.61 -35.05
CA VAL A 173 -29.11 -33.81 -34.57
C VAL A 173 -30.47 -34.42 -34.87
N LEU A 174 -31.10 -34.96 -33.83
CA LEU A 174 -32.42 -35.58 -33.96
C LEU A 174 -33.46 -34.52 -34.28
N ARG A 175 -33.34 -33.36 -33.63
CA ARG A 175 -34.29 -32.28 -33.86
C ARG A 175 -33.91 -30.94 -33.25
N ILE A 176 -34.37 -29.88 -33.90
CA ILE A 176 -34.12 -28.53 -33.41
C ILE A 176 -35.50 -28.09 -32.89
N ILE A 177 -35.61 -27.82 -31.59
CA ILE A 177 -36.90 -27.37 -31.03
C ILE A 177 -36.77 -26.02 -30.35
N ASN A 178 -37.91 -25.38 -30.13
CA ASN A 178 -37.97 -24.09 -29.47
C ASN A 178 -37.67 -24.18 -27.98
N GLU A 179 -36.96 -23.18 -27.48
CA GLU A 179 -36.64 -23.12 -26.05
C GLU A 179 -37.92 -23.17 -25.21
N PRO A 180 -38.94 -22.38 -25.57
CA PRO A 180 -40.17 -22.45 -24.76
C PRO A 180 -40.86 -23.80 -24.86
N THR A 181 -40.72 -24.48 -26.01
CA THR A 181 -41.34 -25.79 -26.15
C THR A 181 -40.61 -26.75 -25.21
N ALA A 182 -39.30 -26.62 -25.12
CA ALA A 182 -38.49 -27.44 -24.24
C ALA A 182 -38.88 -27.16 -22.78
N ALA A 183 -39.05 -25.87 -22.45
CA ALA A 183 -39.44 -25.50 -21.09
C ALA A 183 -40.79 -26.12 -20.75
N ALA A 184 -41.75 -26.03 -21.67
CA ALA A 184 -43.07 -26.59 -21.43
C ALA A 184 -42.97 -28.10 -21.26
N ILE A 185 -42.09 -28.73 -22.01
CA ILE A 185 -41.95 -30.18 -21.91
C ILE A 185 -41.39 -30.55 -20.53
N ALA A 186 -40.37 -29.83 -20.09
CA ALA A 186 -39.79 -30.08 -18.77
C ALA A 186 -40.88 -30.13 -17.69
N TYR A 187 -41.83 -29.20 -17.74
CA TYR A 187 -42.93 -29.16 -16.77
C TYR A 187 -44.10 -30.07 -17.11
N GLY A 188 -43.96 -30.86 -18.16
CA GLY A 188 -45.03 -31.77 -18.57
C GLY A 188 -46.34 -31.12 -18.96
N LEU A 189 -46.32 -29.85 -19.31
CA LEU A 189 -47.56 -29.16 -19.67
C LEU A 189 -48.27 -29.77 -20.86
N ASP A 190 -47.64 -30.75 -21.49
CA ASP A 190 -48.23 -31.40 -22.66
C ASP A 190 -48.79 -32.77 -22.30
N ARG A 191 -48.52 -33.22 -21.08
CA ARG A 191 -48.98 -34.51 -20.61
C ARG A 191 -50.23 -34.48 -19.73
N THR A 192 -50.99 -33.39 -19.83
CA THR A 192 -52.23 -33.29 -19.06
C THR A 192 -53.31 -33.82 -19.99
N GLY A 193 -54.52 -34.04 -19.47
CA GLY A 193 -55.59 -34.56 -20.32
C GLY A 193 -56.62 -33.48 -20.64
N LYS A 194 -56.43 -32.31 -20.04
CA LYS A 194 -57.34 -31.18 -20.21
C LYS A 194 -57.47 -30.67 -21.64
N GLY A 195 -56.80 -31.33 -22.57
CA GLY A 195 -56.88 -30.90 -23.95
C GLY A 195 -56.07 -29.66 -24.26
N GLU A 196 -56.66 -28.75 -25.03
CA GLU A 196 -56.00 -27.52 -25.44
C GLU A 196 -55.58 -26.62 -24.26
N ARG A 197 -54.32 -26.19 -24.29
CA ARG A 197 -53.78 -25.34 -23.25
C ARG A 197 -53.00 -24.17 -23.86
N ASN A 198 -53.20 -22.98 -23.32
CA ASN A 198 -52.48 -21.81 -23.76
C ASN A 198 -51.41 -21.62 -22.71
N VAL A 199 -50.15 -21.63 -23.14
CA VAL A 199 -49.02 -21.50 -22.23
C VAL A 199 -48.18 -20.27 -22.52
N LEU A 200 -47.82 -19.55 -21.47
CA LEU A 200 -46.97 -18.39 -21.63
C LEU A 200 -45.67 -18.65 -20.90
N ILE A 201 -44.55 -18.50 -21.61
CA ILE A 201 -43.22 -18.72 -21.07
C ILE A 201 -42.54 -17.36 -20.87
N PHE A 202 -42.14 -17.11 -19.64
CA PHE A 202 -41.50 -15.86 -19.28
C PHE A 202 -40.02 -16.22 -19.05
N ASP A 203 -39.18 -15.87 -20.03
CA ASP A 203 -37.75 -16.17 -20.01
C ASP A 203 -36.93 -14.91 -19.79
N LEU A 204 -36.53 -14.64 -18.55
CA LEU A 204 -35.75 -13.45 -18.26
C LEU A 204 -34.34 -13.82 -17.77
N GLY A 205 -33.34 -13.56 -18.59
CA GLY A 205 -31.98 -13.90 -18.23
C GLY A 205 -31.12 -12.73 -17.78
N GLY A 206 -29.80 -12.86 -17.98
CA GLY A 206 -28.89 -11.80 -17.58
C GLY A 206 -28.87 -10.62 -18.54
N GLY A 207 -29.20 -10.87 -19.80
CA GLY A 207 -29.20 -9.78 -20.78
C GLY A 207 -30.19 -9.95 -21.92
N THR A 208 -31.04 -10.97 -21.83
CA THR A 208 -32.04 -11.21 -22.86
C THR A 208 -33.40 -11.48 -22.24
N PHE A 209 -34.45 -10.90 -22.81
CA PHE A 209 -35.79 -11.13 -22.31
C PHE A 209 -36.73 -11.63 -23.42
N ASP A 210 -37.31 -12.81 -23.20
CA ASP A 210 -38.22 -13.39 -24.18
C ASP A 210 -39.52 -13.86 -23.53
N VAL A 211 -40.62 -13.59 -24.21
CA VAL A 211 -41.94 -14.02 -23.76
C VAL A 211 -42.47 -14.82 -24.93
N SER A 212 -43.07 -15.98 -24.64
CA SER A 212 -43.64 -16.80 -25.70
C SER A 212 -45.00 -17.35 -25.25
N ILE A 213 -45.93 -17.42 -26.19
CA ILE A 213 -47.24 -17.98 -25.91
C ILE A 213 -47.44 -19.12 -26.91
N LEU A 214 -47.53 -20.34 -26.39
CA LEU A 214 -47.72 -21.49 -27.26
C LEU A 214 -49.04 -22.12 -26.92
N THR A 215 -49.67 -22.74 -27.91
CA THR A 215 -50.91 -23.43 -27.65
C THR A 215 -50.51 -24.88 -27.81
N ILE A 216 -50.72 -25.66 -26.76
CA ILE A 216 -50.37 -27.06 -26.83
C ILE A 216 -51.65 -27.87 -26.92
N ASP A 217 -51.68 -28.77 -27.88
CA ASP A 217 -52.85 -29.60 -28.09
C ASP A 217 -52.44 -30.86 -28.84
N ASP A 218 -52.86 -32.00 -28.34
CA ASP A 218 -52.56 -33.29 -28.95
C ASP A 218 -51.13 -33.38 -29.49
N GLY A 219 -50.15 -33.12 -28.62
CA GLY A 219 -48.77 -33.20 -29.03
C GLY A 219 -48.27 -32.06 -29.90
N ILE A 220 -49.15 -31.16 -30.32
CA ILE A 220 -48.71 -30.04 -31.12
C ILE A 220 -48.45 -28.81 -30.27
N PHE A 221 -47.30 -28.17 -30.49
CA PHE A 221 -46.91 -26.96 -29.79
C PHE A 221 -46.88 -25.82 -30.81
N GLU A 222 -47.97 -25.08 -30.94
CA GLU A 222 -48.02 -23.99 -31.91
C GLU A 222 -47.72 -22.65 -31.29
N VAL A 223 -46.71 -21.97 -31.82
CA VAL A 223 -46.34 -20.67 -31.31
C VAL A 223 -47.44 -19.70 -31.72
N LYS A 224 -47.94 -18.95 -30.76
CA LYS A 224 -49.02 -18.00 -31.06
C LYS A 224 -48.47 -16.59 -31.11
N ALA A 225 -47.33 -16.38 -30.44
CA ALA A 225 -46.71 -15.06 -30.41
C ALA A 225 -45.38 -15.08 -29.67
N THR A 226 -44.51 -14.14 -30.02
CA THR A 226 -43.21 -14.01 -29.37
C THR A 226 -42.95 -12.51 -29.20
N ALA A 227 -42.44 -12.11 -28.05
CA ALA A 227 -42.15 -10.72 -27.79
C ALA A 227 -41.00 -10.68 -26.80
N GLY A 228 -40.45 -9.50 -26.57
CA GLY A 228 -39.38 -9.42 -25.59
C GLY A 228 -38.56 -8.14 -25.68
N ASP A 229 -37.49 -8.10 -24.89
CA ASP A 229 -36.59 -6.96 -24.87
C ASP A 229 -35.21 -7.56 -25.16
N THR A 230 -34.69 -7.30 -26.35
CA THR A 230 -33.39 -7.84 -26.74
C THR A 230 -32.26 -7.58 -25.75
N HIS A 231 -32.27 -6.42 -25.11
CA HIS A 231 -31.21 -6.07 -24.16
C HIS A 231 -31.75 -5.64 -22.80
N LEU A 232 -32.31 -6.61 -22.09
CA LEU A 232 -32.87 -6.42 -20.75
C LEU A 232 -32.65 -7.73 -19.98
N GLY A 233 -31.95 -7.64 -18.87
CA GLY A 233 -31.69 -8.81 -18.06
C GLY A 233 -31.11 -8.47 -16.70
N GLY A 234 -30.60 -9.50 -16.03
CA GLY A 234 -30.03 -9.32 -14.70
C GLY A 234 -28.95 -8.26 -14.60
N GLU A 235 -28.15 -8.12 -15.65
CA GLU A 235 -27.08 -7.13 -15.68
C GLU A 235 -27.61 -5.74 -15.31
N ASP A 236 -28.78 -5.41 -15.86
CA ASP A 236 -29.41 -4.12 -15.61
C ASP A 236 -29.79 -3.85 -14.17
N PHE A 237 -30.17 -4.89 -13.44
CA PHE A 237 -30.54 -4.73 -12.04
C PHE A 237 -29.26 -4.56 -11.23
N ASP A 238 -28.17 -5.17 -11.71
CA ASP A 238 -26.89 -5.06 -11.06
C ASP A 238 -26.40 -3.63 -11.14
N ASN A 239 -26.47 -3.05 -12.34
CA ASN A 239 -26.02 -1.67 -12.56
C ASN A 239 -26.69 -0.70 -11.61
N ARG A 240 -28.01 -0.76 -11.53
CA ARG A 240 -28.74 0.12 -10.64
C ARG A 240 -28.13 0.03 -9.25
N LEU A 241 -27.98 -1.18 -8.74
CA LEU A 241 -27.38 -1.40 -7.43
C LEU A 241 -26.01 -0.73 -7.38
N VAL A 242 -25.23 -0.97 -8.42
CA VAL A 242 -23.89 -0.40 -8.52
C VAL A 242 -23.96 1.12 -8.49
N ASN A 243 -24.74 1.68 -9.41
CA ASN A 243 -24.89 3.14 -9.48
C ASN A 243 -25.38 3.68 -8.14
N HIS A 244 -26.39 3.03 -7.58
CA HIS A 244 -26.93 3.46 -6.29
C HIS A 244 -25.81 3.65 -5.28
N PHE A 245 -25.10 2.57 -4.96
CA PHE A 245 -24.01 2.60 -3.99
C PHE A 245 -22.85 3.53 -4.28
N VAL A 246 -22.50 3.68 -5.56
CA VAL A 246 -21.43 4.59 -5.95
C VAL A 246 -21.83 6.00 -5.52
N GLU A 247 -23.05 6.36 -5.87
CA GLU A 247 -23.59 7.66 -5.54
C GLU A 247 -23.64 7.82 -4.02
N GLU A 248 -24.01 6.75 -3.31
CA GLU A 248 -24.08 6.80 -1.86
C GLU A 248 -22.70 7.00 -1.26
N PHE A 249 -21.70 6.41 -1.88
CA PHE A 249 -20.34 6.54 -1.38
C PHE A 249 -19.95 8.01 -1.46
N LYS A 250 -20.36 8.68 -2.54
CA LYS A 250 -20.07 10.09 -2.71
C LYS A 250 -20.65 10.93 -1.59
N ARG A 251 -21.94 10.78 -1.33
CA ARG A 251 -22.60 11.56 -0.28
C ARG A 251 -21.93 11.42 1.08
N LYS A 252 -21.41 10.24 1.38
CA LYS A 252 -20.77 10.01 2.67
C LYS A 252 -19.27 10.26 2.72
N HIS A 253 -18.60 10.24 1.56
CA HIS A 253 -17.16 10.44 1.51
C HIS A 253 -16.74 11.46 0.46
N LYS A 254 -17.71 12.18 -0.08
CA LYS A 254 -17.44 13.21 -1.08
C LYS A 254 -16.51 12.73 -2.21
N LYS A 255 -16.30 11.43 -2.30
CA LYS A 255 -15.41 10.89 -3.32
C LYS A 255 -16.10 10.00 -4.35
N ASP A 256 -15.67 10.10 -5.60
CA ASP A 256 -16.24 9.30 -6.67
C ASP A 256 -15.29 8.14 -7.00
N ILE A 257 -15.78 6.91 -6.90
CA ILE A 257 -14.97 5.74 -7.16
C ILE A 257 -15.10 5.19 -8.58
N SER A 258 -16.12 5.65 -9.30
CA SER A 258 -16.39 5.18 -10.67
C SER A 258 -15.17 5.09 -11.58
N GLN A 259 -14.13 5.86 -11.27
CA GLN A 259 -12.92 5.85 -12.10
C GLN A 259 -11.94 4.79 -11.63
N ASN A 260 -12.27 4.11 -10.53
CA ASN A 260 -11.41 3.07 -10.02
C ASN A 260 -11.99 1.73 -10.44
N LYS A 261 -11.45 1.18 -11.53
CA LYS A 261 -11.91 -0.08 -12.08
C LYS A 261 -11.83 -1.27 -11.11
N ARG A 262 -10.89 -1.22 -10.17
CA ARG A 262 -10.78 -2.30 -9.21
C ARG A 262 -11.86 -2.13 -8.14
N ALA A 263 -12.10 -0.89 -7.73
CA ALA A 263 -13.10 -0.61 -6.71
C ALA A 263 -14.52 -0.90 -7.19
N VAL A 264 -14.79 -0.62 -8.46
CA VAL A 264 -16.12 -0.88 -8.99
C VAL A 264 -16.33 -2.38 -9.14
N ARG A 265 -15.31 -3.07 -9.61
CA ARG A 265 -15.35 -4.53 -9.78
C ARG A 265 -15.75 -5.17 -8.44
N ARG A 266 -15.13 -4.72 -7.36
CA ARG A 266 -15.44 -5.27 -6.05
C ARG A 266 -16.86 -4.91 -5.61
N LEU A 267 -17.29 -3.69 -5.93
CA LEU A 267 -18.62 -3.22 -5.56
C LEU A 267 -19.69 -3.92 -6.41
N ARG A 268 -19.37 -4.16 -7.67
CA ARG A 268 -20.30 -4.83 -8.56
C ARG A 268 -20.49 -6.27 -8.12
N THR A 269 -19.40 -6.93 -7.76
CA THR A 269 -19.46 -8.32 -7.33
C THR A 269 -20.22 -8.38 -6.01
N ALA A 270 -20.00 -7.39 -5.15
CA ALA A 270 -20.68 -7.36 -3.87
C ALA A 270 -22.17 -7.11 -4.08
N CYS A 271 -22.51 -6.44 -5.18
CA CYS A 271 -23.91 -6.16 -5.49
C CYS A 271 -24.60 -7.40 -6.04
N GLU A 272 -23.95 -8.06 -6.99
CA GLU A 272 -24.50 -9.27 -7.59
C GLU A 272 -24.87 -10.24 -6.46
N ARG A 273 -24.04 -10.27 -5.42
CA ARG A 273 -24.29 -11.13 -4.27
C ARG A 273 -25.46 -10.60 -3.45
N ALA A 274 -25.49 -9.29 -3.27
CA ALA A 274 -26.57 -8.65 -2.51
C ALA A 274 -27.89 -8.90 -3.22
N LYS A 275 -27.87 -8.79 -4.55
CA LYS A 275 -29.07 -9.02 -5.33
C LYS A 275 -29.62 -10.41 -5.05
N ARG A 276 -28.75 -11.42 -5.16
CA ARG A 276 -29.14 -12.81 -4.93
C ARG A 276 -29.69 -13.03 -3.53
N THR A 277 -29.09 -12.35 -2.55
CA THR A 277 -29.52 -12.45 -1.16
C THR A 277 -30.91 -11.83 -1.05
N LEU A 278 -31.13 -10.74 -1.78
CA LEU A 278 -32.42 -10.06 -1.76
C LEU A 278 -33.55 -10.90 -2.37
N SER A 279 -33.21 -12.02 -2.99
CA SER A 279 -34.24 -12.87 -3.57
C SER A 279 -34.77 -13.88 -2.57
N SER A 280 -34.23 -13.84 -1.36
CA SER A 280 -34.67 -14.75 -0.30
C SER A 280 -34.81 -14.03 1.06
N SER A 281 -34.10 -12.93 1.24
CA SER A 281 -34.19 -12.15 2.48
C SER A 281 -34.65 -10.74 2.13
N THR A 282 -35.33 -10.07 3.06
CA THR A 282 -35.83 -8.72 2.77
C THR A 282 -34.75 -7.66 2.92
N GLN A 283 -33.55 -8.08 3.31
CA GLN A 283 -32.47 -7.13 3.50
C GLN A 283 -31.11 -7.76 3.19
N ALA A 284 -30.20 -6.95 2.67
CA ALA A 284 -28.84 -7.41 2.34
C ALA A 284 -27.78 -6.43 2.82
N SER A 285 -26.75 -6.94 3.48
CA SER A 285 -25.67 -6.10 3.98
C SER A 285 -24.47 -6.16 3.05
N LEU A 286 -24.06 -5.00 2.53
CA LEU A 286 -22.94 -4.90 1.63
C LEU A 286 -21.74 -4.36 2.41
N GLU A 287 -20.69 -5.16 2.52
CA GLU A 287 -19.49 -4.76 3.27
C GLU A 287 -18.20 -5.10 2.52
N ILE A 288 -17.43 -4.07 2.21
CA ILE A 288 -16.16 -4.25 1.52
C ILE A 288 -15.10 -3.50 2.28
N ASP A 289 -14.07 -4.22 2.74
CA ASP A 289 -12.99 -3.60 3.51
C ASP A 289 -12.12 -2.78 2.57
N SER A 290 -11.66 -1.63 3.05
CA SER A 290 -10.78 -0.74 2.28
C SER A 290 -11.15 -0.71 0.80
N LEU A 291 -12.33 -0.21 0.50
CA LEU A 291 -12.81 -0.15 -0.87
C LEU A 291 -12.11 0.92 -1.72
N PHE A 292 -12.01 2.13 -1.18
CA PHE A 292 -11.39 3.24 -1.91
C PHE A 292 -10.50 4.06 -0.98
N GLU A 293 -9.26 4.28 -1.38
CA GLU A 293 -8.31 5.05 -0.58
C GLU A 293 -8.35 4.63 0.89
N GLY A 294 -8.26 3.32 1.14
CA GLY A 294 -8.27 2.82 2.50
C GLY A 294 -9.57 3.00 3.26
N ILE A 295 -10.59 3.56 2.61
CA ILE A 295 -11.88 3.77 3.27
C ILE A 295 -12.78 2.53 3.20
N ASP A 296 -13.24 2.07 4.35
CA ASP A 296 -14.11 0.91 4.41
C ASP A 296 -15.50 1.29 3.91
N PHE A 297 -16.25 0.28 3.49
CA PHE A 297 -17.61 0.49 2.99
C PHE A 297 -18.52 -0.55 3.62
N TYR A 298 -19.20 -0.14 4.69
CA TYR A 298 -20.11 -1.02 5.41
C TYR A 298 -21.50 -0.38 5.36
N THR A 299 -22.32 -0.83 4.42
CA THR A 299 -23.66 -0.29 4.25
C THR A 299 -24.64 -1.44 4.11
N SER A 300 -25.83 -1.16 3.57
CA SER A 300 -26.84 -2.20 3.38
C SER A 300 -28.01 -1.66 2.56
N ILE A 301 -28.97 -2.52 2.29
CA ILE A 301 -30.13 -2.10 1.50
C ILE A 301 -31.28 -3.09 1.66
N THR A 302 -32.49 -2.55 1.55
CA THR A 302 -33.70 -3.35 1.69
C THR A 302 -34.25 -3.81 0.34
N ARG A 303 -34.93 -4.95 0.34
CA ARG A 303 -35.52 -5.46 -0.88
C ARG A 303 -36.39 -4.37 -1.48
N ALA A 304 -37.10 -3.66 -0.61
CA ALA A 304 -37.98 -2.59 -1.05
C ALA A 304 -37.20 -1.48 -1.75
N ARG A 305 -36.09 -1.06 -1.13
CA ARG A 305 -35.27 -0.01 -1.73
C ARG A 305 -34.76 -0.48 -3.09
N PHE A 306 -34.36 -1.75 -3.16
CA PHE A 306 -33.88 -2.36 -4.40
C PHE A 306 -34.96 -2.34 -5.48
N GLU A 307 -36.18 -2.70 -5.09
CA GLU A 307 -37.29 -2.72 -6.02
C GLU A 307 -37.59 -1.33 -6.54
N GLU A 308 -37.32 -0.31 -5.73
CA GLU A 308 -37.55 1.07 -6.16
C GLU A 308 -36.54 1.46 -7.22
N LEU A 309 -35.28 1.11 -6.99
CA LEU A 309 -34.21 1.43 -7.93
C LEU A 309 -34.43 0.82 -9.30
N CYS A 310 -35.27 -0.20 -9.38
CA CYS A 310 -35.53 -0.87 -10.65
C CYS A 310 -37.02 -0.96 -10.95
N SER A 311 -37.80 -0.10 -10.30
CA SER A 311 -39.25 -0.10 -10.49
C SER A 311 -39.63 -0.04 -11.96
N ASP A 312 -39.00 0.86 -12.70
CA ASP A 312 -39.27 1.02 -14.13
C ASP A 312 -38.86 -0.21 -14.96
N LEU A 313 -37.69 -0.78 -14.66
CA LEU A 313 -37.23 -1.96 -15.36
C LEU A 313 -38.16 -3.14 -15.13
N PHE A 314 -38.51 -3.39 -13.87
CA PHE A 314 -39.41 -4.49 -13.53
C PHE A 314 -40.73 -4.20 -14.24
N ARG A 315 -41.14 -2.94 -14.19
CA ARG A 315 -42.37 -2.51 -14.82
C ARG A 315 -42.37 -2.96 -16.28
N SER A 316 -41.28 -2.65 -16.99
CA SER A 316 -41.17 -3.02 -18.40
C SER A 316 -41.33 -4.52 -18.61
N THR A 317 -41.10 -5.31 -17.56
CA THR A 317 -41.23 -6.75 -17.65
C THR A 317 -42.59 -7.18 -18.18
N LEU A 318 -43.63 -6.42 -17.84
CA LEU A 318 -44.98 -6.75 -18.28
C LEU A 318 -45.38 -6.30 -19.70
N GLU A 319 -44.70 -5.31 -20.25
CA GLU A 319 -45.07 -4.83 -21.59
C GLU A 319 -45.03 -5.96 -22.63
N PRO A 320 -43.91 -6.70 -22.71
CA PRO A 320 -43.83 -7.81 -23.66
C PRO A 320 -44.93 -8.83 -23.41
N VAL A 321 -45.32 -8.96 -22.14
CA VAL A 321 -46.37 -9.88 -21.79
C VAL A 321 -47.68 -9.47 -22.44
N GLU A 322 -47.93 -8.16 -22.50
CA GLU A 322 -49.15 -7.64 -23.10
C GLU A 322 -49.07 -7.55 -24.62
N LYS A 323 -47.88 -7.26 -25.15
CA LYS A 323 -47.72 -7.19 -26.60
C LYS A 323 -48.02 -8.58 -27.13
N ALA A 324 -47.55 -9.60 -26.42
CA ALA A 324 -47.74 -10.98 -26.81
C ALA A 324 -49.18 -11.43 -26.77
N LEU A 325 -49.89 -11.10 -25.69
CA LEU A 325 -51.30 -11.48 -25.57
C LEU A 325 -52.07 -10.85 -26.72
N ARG A 326 -51.71 -9.61 -27.01
CA ARG A 326 -52.33 -8.83 -28.08
C ARG A 326 -52.12 -9.57 -29.41
N ASP A 327 -50.88 -9.86 -29.75
CA ASP A 327 -50.54 -10.56 -30.99
C ASP A 327 -51.22 -11.92 -31.15
N ALA A 328 -51.41 -12.64 -30.04
CA ALA A 328 -52.05 -13.94 -30.10
C ALA A 328 -53.57 -13.83 -30.03
N LYS A 329 -54.07 -12.61 -29.93
CA LYS A 329 -55.51 -12.39 -29.84
C LYS A 329 -56.08 -13.10 -28.61
N LEU A 330 -55.32 -13.08 -27.52
CA LEU A 330 -55.76 -13.72 -26.30
C LEU A 330 -55.88 -12.69 -25.18
N ASP A 331 -56.74 -13.00 -24.23
CA ASP A 331 -56.97 -12.14 -23.09
C ASP A 331 -56.30 -12.85 -21.93
N LYS A 332 -55.61 -12.10 -21.07
CA LYS A 332 -54.92 -12.67 -19.91
C LYS A 332 -55.64 -13.87 -19.27
N ALA A 333 -56.97 -13.83 -19.25
CA ALA A 333 -57.74 -14.92 -18.64
C ALA A 333 -57.68 -16.25 -19.40
N GLN A 334 -57.32 -16.19 -20.68
CA GLN A 334 -57.24 -17.39 -21.50
C GLN A 334 -55.93 -18.19 -21.32
N ILE A 335 -54.93 -17.61 -20.68
CA ILE A 335 -53.66 -18.30 -20.44
C ILE A 335 -53.82 -19.34 -19.32
N HIS A 336 -53.62 -20.61 -19.66
CA HIS A 336 -53.75 -21.70 -18.70
C HIS A 336 -52.52 -21.86 -17.81
N ASP A 337 -51.34 -21.91 -18.42
CA ASP A 337 -50.12 -22.12 -17.67
C ASP A 337 -49.09 -21.03 -17.88
N LEU A 338 -48.35 -20.74 -16.83
CA LEU A 338 -47.28 -19.75 -16.85
C LEU A 338 -46.02 -20.51 -16.46
N VAL A 339 -44.93 -20.24 -17.16
CA VAL A 339 -43.65 -20.91 -16.90
C VAL A 339 -42.53 -19.89 -16.78
N LEU A 340 -41.71 -20.03 -15.76
CA LEU A 340 -40.59 -19.11 -15.58
C LEU A 340 -39.26 -19.77 -15.92
N VAL A 341 -38.51 -19.16 -16.83
CA VAL A 341 -37.19 -19.68 -17.16
C VAL A 341 -36.31 -18.44 -17.14
N GLY A 342 -35.00 -18.64 -17.01
CA GLY A 342 -34.10 -17.51 -16.96
C GLY A 342 -33.77 -17.18 -15.52
N GLY A 343 -32.48 -17.12 -15.22
CA GLY A 343 -32.01 -16.84 -13.87
C GLY A 343 -32.58 -15.62 -13.17
N SER A 344 -32.89 -14.57 -13.92
CA SER A 344 -33.42 -13.37 -13.29
C SER A 344 -34.86 -13.51 -12.78
N THR A 345 -35.56 -14.53 -13.24
CA THR A 345 -36.93 -14.77 -12.77
C THR A 345 -36.95 -15.16 -11.29
N ARG A 346 -35.77 -15.27 -10.67
CA ARG A 346 -35.66 -15.61 -9.25
C ARG A 346 -35.97 -14.39 -8.39
N ILE A 347 -35.95 -13.21 -9.01
CA ILE A 347 -36.23 -11.98 -8.28
C ILE A 347 -37.71 -11.97 -7.90
N PRO A 348 -37.99 -11.97 -6.58
CA PRO A 348 -39.36 -11.98 -6.07
C PRO A 348 -40.35 -11.03 -6.73
N LYS A 349 -39.98 -9.77 -6.86
CA LYS A 349 -40.84 -8.76 -7.47
C LYS A 349 -41.22 -9.12 -8.90
N VAL A 350 -40.31 -9.78 -9.61
CA VAL A 350 -40.55 -10.21 -10.98
C VAL A 350 -41.64 -11.26 -11.00
N GLN A 351 -41.63 -12.14 -9.99
CA GLN A 351 -42.63 -13.18 -9.91
C GLN A 351 -44.00 -12.60 -9.52
N LYS A 352 -44.02 -11.79 -8.46
CA LYS A 352 -45.24 -11.17 -7.98
C LYS A 352 -45.93 -10.39 -9.09
N LEU A 353 -45.14 -9.60 -9.81
CA LEU A 353 -45.71 -8.80 -10.89
C LEU A 353 -46.37 -9.66 -11.94
N LEU A 354 -45.76 -10.79 -12.28
CA LEU A 354 -46.34 -11.66 -13.28
C LEU A 354 -47.58 -12.33 -12.72
N GLN A 355 -47.47 -12.84 -11.49
CA GLN A 355 -48.57 -13.50 -10.82
C GLN A 355 -49.78 -12.59 -10.66
N ASP A 356 -49.59 -11.45 -10.02
CA ASP A 356 -50.66 -10.50 -9.83
C ASP A 356 -51.28 -10.16 -11.18
N PHE A 357 -50.47 -10.08 -12.21
CA PHE A 357 -51.00 -9.75 -13.52
C PHE A 357 -51.99 -10.78 -14.00
N PHE A 358 -51.75 -12.05 -13.66
CA PHE A 358 -52.65 -13.11 -14.09
C PHE A 358 -53.63 -13.52 -13.00
N ASN A 359 -54.01 -12.54 -12.17
CA ASN A 359 -54.97 -12.77 -11.12
C ASN A 359 -54.63 -13.91 -10.16
N GLY A 360 -53.35 -13.99 -9.78
CA GLY A 360 -52.92 -15.01 -8.85
C GLY A 360 -52.72 -16.42 -9.37
N ARG A 361 -52.57 -16.59 -10.68
CA ARG A 361 -52.36 -17.93 -11.21
C ARG A 361 -50.99 -18.43 -10.76
N ASP A 362 -50.92 -19.71 -10.38
CA ASP A 362 -49.65 -20.30 -9.93
C ASP A 362 -48.59 -20.25 -11.01
N LEU A 363 -47.33 -20.18 -10.58
CA LEU A 363 -46.22 -20.14 -11.52
C LEU A 363 -45.42 -21.43 -11.55
N ASN A 364 -45.21 -21.97 -12.74
CA ASN A 364 -44.39 -23.18 -12.87
C ASN A 364 -42.96 -22.64 -12.79
N LYS A 365 -42.28 -22.89 -11.68
CA LYS A 365 -40.94 -22.38 -11.50
C LYS A 365 -40.03 -23.23 -10.60
N SER A 366 -40.48 -24.39 -10.14
CA SER A 366 -39.61 -25.13 -9.24
C SER A 366 -38.36 -25.71 -9.92
N ILE A 367 -38.41 -25.94 -11.23
CA ILE A 367 -37.23 -26.45 -11.95
C ILE A 367 -36.23 -25.29 -12.11
N ASN A 368 -34.98 -25.53 -11.76
CA ASN A 368 -33.94 -24.50 -11.86
C ASN A 368 -34.13 -23.75 -13.19
N PRO A 369 -34.52 -22.46 -13.11
CA PRO A 369 -34.75 -21.63 -14.30
C PRO A 369 -33.60 -21.54 -15.28
N ASP A 370 -32.40 -21.88 -14.85
CA ASP A 370 -31.24 -21.86 -15.73
C ASP A 370 -31.15 -23.18 -16.53
N GLU A 371 -31.73 -24.24 -15.97
CA GLU A 371 -31.66 -25.57 -16.55
C GLU A 371 -32.92 -26.14 -17.18
N ALA A 372 -34.05 -25.47 -16.96
CA ALA A 372 -35.32 -25.95 -17.47
C ALA A 372 -35.28 -26.35 -18.94
N VAL A 373 -34.77 -25.45 -19.77
CA VAL A 373 -34.72 -25.73 -21.19
C VAL A 373 -33.87 -26.96 -21.51
N ALA A 374 -32.76 -27.14 -20.79
CA ALA A 374 -31.92 -28.30 -21.00
C ALA A 374 -32.70 -29.54 -20.61
N TYR A 375 -33.37 -29.45 -19.47
CA TYR A 375 -34.19 -30.57 -18.99
C TYR A 375 -35.17 -31.02 -20.05
N GLY A 376 -35.93 -30.06 -20.58
CA GLY A 376 -36.91 -30.38 -21.62
C GLY A 376 -36.29 -30.98 -22.87
N ALA A 377 -35.14 -30.47 -23.31
CA ALA A 377 -34.52 -30.99 -24.52
C ALA A 377 -34.12 -32.45 -24.33
N ALA A 378 -33.58 -32.75 -23.15
CA ALA A 378 -33.14 -34.09 -22.81
C ALA A 378 -34.31 -35.05 -22.85
N VAL A 379 -35.45 -34.62 -22.34
CA VAL A 379 -36.64 -35.48 -22.36
C VAL A 379 -37.05 -35.68 -23.81
N GLN A 380 -36.98 -34.61 -24.60
CA GLN A 380 -37.39 -34.71 -25.99
C GLN A 380 -36.46 -35.64 -26.74
N ALA A 381 -35.16 -35.58 -26.41
CA ALA A 381 -34.19 -36.43 -27.08
C ALA A 381 -34.53 -37.90 -26.76
N ALA A 382 -34.76 -38.19 -25.48
CA ALA A 382 -35.10 -39.55 -25.08
C ALA A 382 -36.37 -40.03 -25.79
N ILE A 383 -37.39 -39.19 -25.88
CA ILE A 383 -38.64 -39.60 -26.55
C ILE A 383 -38.35 -40.03 -27.98
N LEU A 384 -37.58 -39.22 -28.69
CA LEU A 384 -37.23 -39.47 -30.08
C LEU A 384 -36.45 -40.77 -30.30
N MET A 385 -35.77 -41.26 -29.27
CA MET A 385 -35.00 -42.49 -29.38
C MET A 385 -35.79 -43.71 -28.90
N GLY A 386 -36.97 -43.48 -28.34
CA GLY A 386 -37.76 -44.59 -27.85
C GLY A 386 -38.02 -44.53 -26.35
N ASP A 387 -37.44 -43.51 -25.70
CA ASP A 387 -37.58 -43.26 -24.26
C ASP A 387 -36.77 -44.20 -23.38
N ALA B 8 52.04 5.26 18.76
CA ALA B 8 51.71 5.58 20.18
C ALA B 8 51.31 7.06 20.28
N ALA B 9 50.08 7.36 19.92
CA ALA B 9 49.60 8.74 19.95
C ALA B 9 48.46 8.98 20.95
N ALA B 10 48.52 10.13 21.60
CA ALA B 10 47.52 10.55 22.58
C ALA B 10 46.37 11.14 21.77
N ILE B 11 45.19 11.25 22.36
CA ILE B 11 44.04 11.81 21.64
C ILE B 11 43.31 12.86 22.46
N GLY B 12 42.78 13.88 21.77
CA GLY B 12 42.05 14.92 22.46
C GLY B 12 40.56 14.66 22.33
N ILE B 13 39.88 14.54 23.46
CA ILE B 13 38.45 14.27 23.43
C ILE B 13 37.57 15.39 23.94
N ASP B 14 36.58 15.72 23.13
CA ASP B 14 35.62 16.75 23.44
C ASP B 14 34.33 16.04 23.84
N LEU B 15 34.19 15.79 25.14
CA LEU B 15 33.02 15.12 25.69
C LEU B 15 31.87 16.09 25.86
N GLY B 16 31.11 16.30 24.79
CA GLY B 16 30.02 17.24 24.82
C GLY B 16 28.67 16.78 25.35
N THR B 17 27.94 17.75 25.89
CA THR B 17 26.63 17.51 26.45
C THR B 17 25.70 16.77 25.48
N THR B 18 25.79 17.12 24.20
CA THR B 18 24.93 16.51 23.20
C THR B 18 25.72 15.75 22.12
N TYR B 19 26.86 16.31 21.70
CA TYR B 19 27.70 15.66 20.69
C TYR B 19 29.11 15.55 21.28
N SER B 20 29.84 14.53 20.88
CA SER B 20 31.22 14.36 21.35
C SER B 20 32.11 14.37 20.11
N CYS B 21 33.38 14.67 20.31
CA CYS B 21 34.31 14.72 19.18
C CYS B 21 35.67 14.25 19.65
N VAL B 22 36.51 13.81 18.73
CA VAL B 22 37.84 13.33 19.09
C VAL B 22 38.82 13.53 17.95
N GLY B 23 39.99 14.04 18.29
CA GLY B 23 41.00 14.28 17.28
C GLY B 23 42.33 13.80 17.76
N VAL B 24 43.31 13.76 16.87
CA VAL B 24 44.65 13.31 17.22
C VAL B 24 45.70 14.14 16.47
N PHE B 25 46.92 14.12 17.00
CA PHE B 25 48.03 14.85 16.39
C PHE B 25 48.96 13.85 15.69
N GLN B 26 48.90 13.82 14.35
CA GLN B 26 49.74 12.93 13.55
C GLN B 26 50.51 13.68 12.46
N HIS B 27 51.81 13.38 12.36
CA HIS B 27 52.64 13.99 11.34
C HIS B 27 52.47 15.51 11.31
N GLY B 28 52.88 16.16 12.40
CA GLY B 28 52.77 17.60 12.49
C GLY B 28 51.44 18.17 12.02
N LYS B 29 50.33 17.58 12.49
CA LYS B 29 49.01 18.07 12.10
C LYS B 29 47.87 17.39 12.85
N VAL B 30 46.93 18.21 13.33
CA VAL B 30 45.76 17.72 14.07
C VAL B 30 44.70 17.17 13.13
N GLU B 31 44.21 15.97 13.44
CA GLU B 31 43.19 15.34 12.63
C GLU B 31 42.02 14.85 13.48
N ILE B 32 40.81 15.32 13.15
CA ILE B 32 39.59 14.93 13.83
C ILE B 32 39.13 13.62 13.19
N ILE B 33 38.65 12.68 13.98
CA ILE B 33 38.27 11.38 13.45
C ILE B 33 36.81 11.11 13.16
N ALA B 34 36.56 10.66 11.93
CA ALA B 34 35.22 10.31 11.47
C ALA B 34 34.95 8.91 12.02
N ASN B 35 33.69 8.58 12.22
CA ASN B 35 33.32 7.27 12.76
C ASN B 35 32.76 6.32 11.70
N ASP B 36 32.15 5.23 12.15
CA ASP B 36 31.57 4.21 11.27
C ASP B 36 30.68 4.72 10.14
N GLN B 37 30.11 5.92 10.29
CA GLN B 37 29.23 6.47 9.26
C GLN B 37 29.70 7.80 8.71
N GLY B 38 30.97 8.10 8.93
CA GLY B 38 31.54 9.35 8.43
C GLY B 38 31.36 10.59 9.27
N ASN B 39 30.56 10.54 10.32
CA ASN B 39 30.35 11.72 11.15
C ASN B 39 31.60 12.06 11.96
N ARG B 40 31.93 13.35 11.97
CA ARG B 40 33.09 13.85 12.70
C ARG B 40 32.75 14.17 14.16
N THR B 41 31.46 14.06 14.49
CA THR B 41 30.99 14.26 15.86
C THR B 41 30.19 13.00 16.15
N THR B 42 29.98 12.69 17.42
CA THR B 42 29.22 11.50 17.80
C THR B 42 28.23 11.85 18.91
N PRO B 43 26.95 11.51 18.73
CA PRO B 43 25.93 11.81 19.75
C PRO B 43 26.27 11.15 21.10
N SER B 44 26.29 11.95 22.17
CA SER B 44 26.58 11.41 23.50
C SER B 44 25.37 10.62 23.94
N TYR B 45 25.04 9.60 23.13
CA TYR B 45 23.89 8.77 23.38
C TYR B 45 24.22 7.32 23.70
N VAL B 46 23.46 6.76 24.63
CA VAL B 46 23.60 5.37 24.99
C VAL B 46 22.19 4.89 25.25
N ALA B 47 21.74 3.94 24.42
CA ALA B 47 20.40 3.40 24.58
C ALA B 47 20.47 1.93 24.96
N PHE B 48 19.56 1.50 25.83
CA PHE B 48 19.49 0.11 26.24
C PHE B 48 18.25 -0.56 25.64
N THR B 49 18.44 -1.69 24.97
CA THR B 49 17.30 -2.40 24.37
C THR B 49 17.08 -3.79 24.97
N ASP B 50 16.10 -4.49 24.43
CA ASP B 50 15.77 -5.84 24.87
C ASP B 50 16.90 -6.83 24.59
N THR B 51 17.79 -6.48 23.66
CA THR B 51 18.87 -7.38 23.29
C THR B 51 20.29 -6.87 23.53
N GLU B 52 20.55 -5.61 23.18
CA GLU B 52 21.89 -5.04 23.33
C GLU B 52 21.89 -3.61 23.88
N ARG B 53 22.98 -2.90 23.62
CA ARG B 53 23.14 -1.52 24.06
C ARG B 53 23.76 -0.71 22.92
N LEU B 54 23.19 0.46 22.64
CA LEU B 54 23.69 1.31 21.56
C LEU B 54 24.43 2.53 22.08
N ILE B 55 25.30 3.07 21.23
CA ILE B 55 26.10 4.26 21.56
C ILE B 55 26.34 5.05 20.28
N GLY B 56 26.34 6.37 20.41
CA GLY B 56 26.56 7.23 19.26
C GLY B 56 25.35 7.40 18.35
N ASP B 57 25.55 7.15 17.05
CA ASP B 57 24.47 7.29 16.09
C ASP B 57 23.30 6.32 16.33
N ALA B 58 23.55 5.02 16.17
CA ALA B 58 22.49 4.02 16.38
C ALA B 58 21.56 4.32 17.54
N ALA B 59 22.09 4.95 18.59
CA ALA B 59 21.30 5.29 19.76
C ALA B 59 20.50 6.58 19.53
N LYS B 60 21.16 7.56 18.90
CA LYS B 60 20.51 8.83 18.61
C LYS B 60 19.46 8.65 17.53
N ASN B 61 19.55 7.54 16.80
CA ASN B 61 18.62 7.24 15.71
C ASN B 61 17.28 6.69 16.21
N GLN B 62 17.31 5.80 17.19
CA GLN B 62 16.09 5.19 17.72
C GLN B 62 15.56 5.87 18.98
N VAL B 63 16.08 7.06 19.28
CA VAL B 63 15.68 7.83 20.45
C VAL B 63 14.18 8.13 20.52
N ALA B 64 13.51 8.09 19.37
CA ALA B 64 12.08 8.37 19.32
C ALA B 64 11.24 7.11 19.52
N LEU B 65 11.87 5.94 19.37
CA LEU B 65 11.19 4.67 19.53
C LEU B 65 11.47 4.06 20.92
N ASN B 66 12.65 4.39 21.46
CA ASN B 66 13.07 3.89 22.76
C ASN B 66 13.34 5.09 23.69
N PRO B 67 12.29 5.86 24.01
CA PRO B 67 12.36 7.04 24.87
C PRO B 67 12.75 6.81 26.33
N GLN B 68 12.17 5.79 26.95
CA GLN B 68 12.47 5.49 28.35
C GLN B 68 13.84 4.86 28.58
N ASN B 69 14.38 4.20 27.57
CA ASN B 69 15.66 3.53 27.71
C ASN B 69 16.83 4.09 26.91
N THR B 70 16.68 5.33 26.44
CA THR B 70 17.73 6.00 25.69
C THR B 70 18.15 7.22 26.50
N VAL B 71 19.34 7.16 27.10
CA VAL B 71 19.82 8.24 27.94
C VAL B 71 20.87 9.15 27.30
N PHE B 72 20.66 10.45 27.46
CA PHE B 72 21.56 11.48 26.95
C PHE B 72 21.80 12.47 28.09
N ASP B 73 22.51 13.56 27.81
CA ASP B 73 22.80 14.60 28.81
C ASP B 73 23.46 14.12 30.11
N ALA B 74 24.24 13.04 30.05
CA ALA B 74 24.89 12.56 31.26
C ALA B 74 25.69 13.69 31.86
N LYS B 75 26.39 14.43 30.99
CA LYS B 75 27.20 15.55 31.40
C LYS B 75 26.44 16.46 32.36
N ARG B 76 25.13 16.52 32.20
CA ARG B 76 24.26 17.33 33.05
C ARG B 76 24.26 16.83 34.50
N LEU B 77 24.57 15.54 34.66
CA LEU B 77 24.57 14.92 35.98
C LEU B 77 25.96 14.66 36.55
N ILE B 78 26.92 14.40 35.68
CA ILE B 78 28.27 14.06 36.12
C ILE B 78 28.91 14.95 37.19
N GLY B 79 29.42 14.30 38.22
CA GLY B 79 30.08 15.01 39.31
C GLY B 79 29.17 15.64 40.34
N ARG B 80 27.85 15.58 40.15
CA ARG B 80 26.98 16.21 41.11
C ARG B 80 26.14 15.28 41.96
N LYS B 81 25.54 15.87 43.00
CA LYS B 81 24.71 15.11 43.91
C LYS B 81 23.27 15.14 43.44
N PHE B 82 22.54 14.07 43.75
CA PHE B 82 21.14 13.95 43.37
C PHE B 82 20.35 15.19 43.77
N GLY B 83 20.60 15.69 44.97
CA GLY B 83 19.89 16.86 45.45
C GLY B 83 20.20 18.15 44.71
N ASP B 84 21.30 18.17 43.98
CA ASP B 84 21.72 19.35 43.24
C ASP B 84 20.53 19.93 42.48
N PRO B 85 20.20 21.20 42.75
CA PRO B 85 19.08 21.85 42.07
C PRO B 85 19.08 21.69 40.56
N VAL B 86 20.26 21.66 39.96
CA VAL B 86 20.38 21.50 38.51
C VAL B 86 19.82 20.13 38.13
N VAL B 87 20.03 19.13 38.99
CA VAL B 87 19.54 17.80 38.74
C VAL B 87 18.01 17.75 38.88
N GLN B 88 17.50 18.43 39.90
CA GLN B 88 16.07 18.46 40.15
C GLN B 88 15.27 19.08 39.01
N SER B 89 15.77 20.19 38.46
CA SER B 89 15.09 20.86 37.37
C SER B 89 15.25 20.06 36.08
N ASP B 90 16.48 19.65 35.80
CA ASP B 90 16.77 18.89 34.59
C ASP B 90 16.01 17.59 34.44
N MET B 91 15.95 16.78 35.50
CA MET B 91 15.27 15.50 35.38
C MET B 91 13.78 15.58 35.07
N LYS B 92 13.17 16.72 35.37
CA LYS B 92 11.75 16.88 35.12
C LYS B 92 11.35 16.77 33.64
N HIS B 93 12.28 17.08 32.73
CA HIS B 93 11.94 17.00 31.31
C HIS B 93 12.59 15.87 30.50
N TRP B 94 13.27 14.94 31.17
CA TRP B 94 13.87 13.81 30.46
C TRP B 94 12.93 12.60 30.54
N PRO B 95 12.77 11.88 29.44
CA PRO B 95 11.88 10.70 29.46
C PRO B 95 12.48 9.56 30.30
N PHE B 96 13.81 9.43 30.29
CA PHE B 96 14.46 8.38 31.07
C PHE B 96 14.38 8.71 32.57
N GLN B 97 14.50 7.68 33.40
CA GLN B 97 14.42 7.84 34.86
C GLN B 97 15.74 8.06 35.60
N VAL B 98 15.70 8.97 36.56
CA VAL B 98 16.88 9.30 37.38
C VAL B 98 16.63 8.81 38.81
N ILE B 99 17.62 8.17 39.40
CA ILE B 99 17.53 7.62 40.75
C ILE B 99 18.54 8.16 41.76
N ASN B 100 18.18 8.12 43.04
CA ASN B 100 19.04 8.60 44.11
C ASN B 100 19.69 7.46 44.87
N ASP B 101 21.00 7.35 44.76
CA ASP B 101 21.75 6.33 45.48
C ASP B 101 22.79 7.01 46.36
N GLY B 102 22.50 7.12 47.66
CA GLY B 102 23.44 7.75 48.56
C GLY B 102 23.67 9.18 48.12
N ASP B 103 22.60 9.80 47.64
CA ASP B 103 22.64 11.17 47.15
C ASP B 103 23.45 11.27 45.86
N LYS B 104 23.75 10.12 45.27
CA LYS B 104 24.48 10.07 44.00
C LYS B 104 23.41 9.81 42.95
N PRO B 105 23.48 10.50 41.81
CA PRO B 105 22.49 10.31 40.75
C PRO B 105 22.69 9.01 39.98
N LYS B 106 21.60 8.34 39.65
CA LYS B 106 21.65 7.08 38.89
C LYS B 106 20.58 7.04 37.82
N VAL B 107 20.96 6.68 36.60
CA VAL B 107 19.98 6.59 35.52
C VAL B 107 19.40 5.19 35.48
N GLN B 108 18.10 5.08 35.78
CA GLN B 108 17.44 3.78 35.81
C GLN B 108 16.81 3.48 34.46
N VAL B 109 17.11 2.31 33.92
CA VAL B 109 16.61 1.90 32.61
C VAL B 109 16.42 0.38 32.51
N SER B 110 15.66 -0.05 31.51
CA SER B 110 15.47 -1.46 31.28
C SER B 110 16.52 -1.87 30.24
N TYR B 111 17.31 -2.89 30.58
CA TYR B 111 18.35 -3.38 29.71
C TYR B 111 18.33 -4.89 29.64
N LYS B 112 18.06 -5.45 28.47
CA LYS B 112 18.00 -6.89 28.28
C LYS B 112 16.91 -7.53 29.16
N GLY B 113 15.73 -6.90 29.17
CA GLY B 113 14.62 -7.42 29.96
C GLY B 113 14.66 -7.21 31.45
N GLU B 114 15.73 -6.59 31.96
CA GLU B 114 15.86 -6.35 33.39
C GLU B 114 16.08 -4.86 33.71
N THR B 115 15.97 -4.53 34.98
CA THR B 115 16.14 -3.15 35.43
C THR B 115 17.57 -2.88 35.91
N LYS B 116 18.20 -1.87 35.33
CA LYS B 116 19.55 -1.49 35.72
C LYS B 116 19.66 0.01 35.97
N ALA B 117 20.78 0.41 36.55
CA ALA B 117 21.01 1.81 36.86
C ALA B 117 22.49 2.11 36.72
N PHE B 118 22.81 3.30 36.21
CA PHE B 118 24.20 3.68 36.02
C PHE B 118 24.54 5.07 36.53
N TYR B 119 25.82 5.21 36.92
CA TYR B 119 26.35 6.47 37.41
C TYR B 119 26.64 7.35 36.20
N PRO B 120 26.45 8.66 36.35
CA PRO B 120 26.71 9.54 35.21
C PRO B 120 28.05 9.21 34.54
N GLU B 121 29.12 9.09 35.33
CA GLU B 121 30.42 8.79 34.76
C GLU B 121 30.42 7.43 34.08
N GLU B 122 29.38 6.63 34.34
CA GLU B 122 29.28 5.33 33.69
C GLU B 122 28.75 5.55 32.27
N ILE B 123 27.58 6.16 32.14
CA ILE B 123 27.01 6.45 30.83
C ILE B 123 28.05 7.15 29.98
N SER B 124 28.77 8.07 30.62
CA SER B 124 29.80 8.84 29.94
C SER B 124 31.00 7.99 29.55
N SER B 125 31.40 7.06 30.40
CA SER B 125 32.56 6.21 30.08
C SER B 125 32.25 5.39 28.84
N MET B 126 30.95 5.26 28.53
CA MET B 126 30.51 4.50 27.37
C MET B 126 30.65 5.35 26.11
N VAL B 127 30.39 6.65 26.24
CA VAL B 127 30.57 7.57 25.12
C VAL B 127 32.08 7.70 24.90
N LEU B 128 32.83 7.84 25.99
CA LEU B 128 34.28 7.98 25.90
C LEU B 128 34.91 6.76 25.26
N THR B 129 34.47 5.57 25.66
CA THR B 129 35.01 4.34 25.06
C THR B 129 34.71 4.34 23.55
N LYS B 130 33.48 4.70 23.21
CA LYS B 130 33.07 4.75 21.82
C LYS B 130 34.01 5.67 21.03
N MET B 131 34.40 6.80 21.63
CA MET B 131 35.29 7.76 20.99
C MET B 131 36.73 7.29 20.86
N LYS B 132 37.23 6.59 21.87
CA LYS B 132 38.59 6.08 21.79
C LYS B 132 38.64 5.01 20.72
N GLU B 133 37.63 4.13 20.73
CA GLU B 133 37.52 3.04 19.75
C GLU B 133 37.57 3.54 18.32
N ILE B 134 36.99 4.71 18.09
CA ILE B 134 36.94 5.31 16.77
C ILE B 134 38.27 5.97 16.40
N ALA B 135 39.06 6.30 17.41
CA ALA B 135 40.36 6.91 17.20
C ALA B 135 41.37 5.77 17.03
N GLU B 136 40.95 4.57 17.40
CA GLU B 136 41.81 3.41 17.28
C GLU B 136 41.69 2.79 15.87
N ALA B 137 40.49 2.84 15.30
CA ALA B 137 40.27 2.30 13.97
C ALA B 137 40.99 3.20 12.97
N TYR B 138 41.13 4.47 13.33
CA TYR B 138 41.81 5.45 12.47
C TYR B 138 43.32 5.26 12.54
N LEU B 139 43.83 5.06 13.75
CA LEU B 139 45.27 4.87 13.97
C LEU B 139 45.71 3.45 13.70
N GLY B 140 44.84 2.49 13.98
CA GLY B 140 45.18 1.11 13.76
C GLY B 140 45.85 0.48 14.97
N TYR B 141 46.20 1.31 15.95
CA TYR B 141 46.84 0.84 17.17
C TYR B 141 46.12 1.37 18.41
N PRO B 142 46.05 0.55 19.47
CA PRO B 142 45.40 0.89 20.75
C PRO B 142 45.73 2.26 21.30
N VAL B 143 44.74 2.91 21.90
CA VAL B 143 44.90 4.24 22.48
C VAL B 143 44.70 4.20 24.00
N THR B 144 45.64 4.79 24.72
CA THR B 144 45.57 4.81 26.18
C THR B 144 45.55 6.23 26.71
N ASN B 145 46.40 7.08 26.11
CA ASN B 145 46.50 8.45 26.56
C ASN B 145 45.56 9.43 25.89
N ALA B 146 44.89 10.21 26.72
CA ALA B 146 43.93 11.19 26.25
C ALA B 146 43.87 12.39 27.16
N VAL B 147 43.48 13.51 26.57
CA VAL B 147 43.31 14.75 27.30
C VAL B 147 41.82 14.96 27.16
N ILE B 148 41.13 14.96 28.28
CA ILE B 148 39.69 15.15 28.25
C ILE B 148 39.33 16.60 28.50
N THR B 149 38.13 16.94 28.04
CA THR B 149 37.66 18.29 28.10
C THR B 149 36.42 18.52 28.99
N VAL B 150 36.41 19.65 29.69
CA VAL B 150 35.29 20.02 30.57
C VAL B 150 35.08 21.53 30.54
N PRO B 151 33.85 21.98 30.77
CA PRO B 151 33.52 23.42 30.78
C PRO B 151 34.34 24.15 31.86
N ALA B 152 34.57 25.44 31.67
CA ALA B 152 35.36 26.22 32.63
C ALA B 152 34.70 26.34 34.00
N TYR B 153 33.39 26.16 34.05
CA TYR B 153 32.64 26.27 35.30
C TYR B 153 32.53 24.98 36.13
N PHE B 154 33.07 23.88 35.61
CA PHE B 154 33.01 22.63 36.37
C PHE B 154 33.77 22.78 37.67
N ASN B 155 33.22 22.22 38.75
CA ASN B 155 33.91 22.27 40.04
C ASN B 155 34.86 21.08 40.14
N ASP B 156 35.58 20.98 41.25
CA ASP B 156 36.52 19.88 41.42
C ASP B 156 35.86 18.53 41.31
N SER B 157 34.68 18.40 41.91
CA SER B 157 33.98 17.13 41.86
C SER B 157 33.69 16.74 40.43
N GLN B 158 33.17 17.68 39.65
CA GLN B 158 32.84 17.42 38.25
C GLN B 158 34.05 16.95 37.45
N ARG B 159 35.17 17.66 37.58
CA ARG B 159 36.37 17.28 36.87
C ARG B 159 36.71 15.85 37.25
N GLN B 160 36.92 15.64 38.55
CA GLN B 160 37.24 14.32 39.10
C GLN B 160 36.31 13.24 38.54
N ALA B 161 35.03 13.56 38.42
CA ALA B 161 34.05 12.58 37.92
C ALA B 161 34.23 12.36 36.40
N THR B 162 34.67 13.39 35.70
CA THR B 162 34.89 13.29 34.27
C THR B 162 36.07 12.36 34.06
N LYS B 163 37.10 12.58 34.85
CA LYS B 163 38.30 11.78 34.78
C LYS B 163 37.92 10.30 34.96
N ASP B 164 37.29 9.98 36.09
CA ASP B 164 36.90 8.61 36.37
C ASP B 164 36.22 7.97 35.16
N ALA B 165 35.25 8.68 34.59
CA ALA B 165 34.54 8.17 33.42
C ALA B 165 35.59 7.77 32.37
N GLY B 166 36.63 8.59 32.29
CA GLY B 166 37.71 8.33 31.35
C GLY B 166 38.52 7.09 31.70
N VAL B 167 38.76 6.85 32.99
CA VAL B 167 39.53 5.66 33.39
C VAL B 167 38.73 4.37 33.23
N ILE B 168 37.41 4.46 33.37
CA ILE B 168 36.52 3.30 33.20
C ILE B 168 36.57 2.91 31.73
N ALA B 169 36.59 3.92 30.87
CA ALA B 169 36.64 3.72 29.43
C ALA B 169 37.97 3.10 29.00
N GLY B 170 38.90 2.98 29.96
CA GLY B 170 40.19 2.37 29.69
C GLY B 170 41.28 3.36 29.32
N LEU B 171 41.05 4.62 29.62
CA LEU B 171 42.02 5.66 29.29
C LEU B 171 42.71 6.28 30.51
N ASN B 172 43.97 6.63 30.29
CA ASN B 172 44.78 7.30 31.30
C ASN B 172 44.60 8.78 31.00
N VAL B 173 44.05 9.53 31.94
CA VAL B 173 43.82 10.95 31.76
C VAL B 173 45.05 11.82 32.01
N LEU B 174 45.73 12.20 30.92
CA LEU B 174 46.92 13.02 30.97
C LEU B 174 46.62 14.27 31.80
N ARG B 175 45.46 14.87 31.52
CA ARG B 175 45.04 16.07 32.21
C ARG B 175 43.65 16.47 31.74
N ILE B 176 42.97 17.21 32.59
CA ILE B 176 41.64 17.69 32.28
C ILE B 176 41.71 19.20 32.22
N ILE B 177 41.47 19.76 31.04
CA ILE B 177 41.51 21.21 30.88
C ILE B 177 40.19 21.77 30.38
N ASN B 178 39.97 23.06 30.63
CA ASN B 178 38.74 23.72 30.20
C ASN B 178 38.61 23.78 28.69
N GLU B 179 37.38 23.68 28.21
CA GLU B 179 37.13 23.74 26.78
C GLU B 179 37.61 25.08 26.20
N PRO B 180 37.19 26.22 26.81
CA PRO B 180 37.62 27.51 26.28
C PRO B 180 39.14 27.63 26.17
N THR B 181 39.85 27.05 27.12
CA THR B 181 41.31 27.12 27.08
C THR B 181 41.83 26.30 25.90
N ALA B 182 41.12 25.24 25.56
CA ALA B 182 41.51 24.39 24.44
C ALA B 182 41.30 25.20 23.16
N ALA B 183 40.24 26.00 23.12
CA ALA B 183 39.96 26.82 21.95
C ALA B 183 41.10 27.83 21.76
N ALA B 184 41.46 28.52 22.84
CA ALA B 184 42.52 29.50 22.79
C ALA B 184 43.80 28.87 22.25
N ILE B 185 44.15 27.71 22.77
CA ILE B 185 45.34 26.99 22.35
C ILE B 185 45.26 26.66 20.87
N ALA B 186 44.10 26.16 20.45
CA ALA B 186 43.89 25.79 19.06
C ALA B 186 44.31 26.92 18.13
N TYR B 187 44.08 28.16 18.55
CA TYR B 187 44.46 29.33 17.75
C TYR B 187 45.80 29.90 18.16
N GLY B 188 46.43 29.29 19.15
CA GLY B 188 47.73 29.73 19.61
C GLY B 188 47.76 31.06 20.35
N LEU B 189 46.61 31.50 20.84
CA LEU B 189 46.52 32.75 21.56
C LEU B 189 47.42 32.77 22.79
N ASP B 190 48.09 31.64 23.04
CA ASP B 190 48.99 31.51 24.17
C ASP B 190 50.43 31.67 23.73
N ARG B 191 50.66 32.11 22.50
CA ARG B 191 52.02 32.29 21.99
C ARG B 191 52.26 33.71 21.48
N THR B 192 51.69 34.69 22.17
CA THR B 192 51.85 36.10 21.80
C THR B 192 53.01 36.75 22.57
N GLY B 195 52.68 38.77 26.41
CA GLY B 195 51.91 39.86 26.99
C GLY B 195 50.67 39.38 27.72
N GLU B 196 49.84 40.32 28.16
CA GLU B 196 48.59 39.97 28.87
C GLU B 196 47.39 40.25 27.98
N ARG B 197 46.69 39.20 27.59
CA ARG B 197 45.52 39.34 26.73
C ARG B 197 44.22 38.89 27.40
N ASN B 198 43.11 39.51 27.02
CA ASN B 198 41.81 39.15 27.53
C ASN B 198 41.07 38.49 26.38
N VAL B 199 40.86 37.18 26.46
CA VAL B 199 40.17 36.47 25.39
C VAL B 199 38.79 35.95 25.80
N LEU B 200 37.80 36.20 24.96
CA LEU B 200 36.45 35.75 25.23
C LEU B 200 36.11 34.60 24.29
N ILE B 201 35.60 33.53 24.85
CA ILE B 201 35.22 32.37 24.07
C ILE B 201 33.71 32.33 24.06
N PHE B 202 33.16 32.36 22.85
CA PHE B 202 31.72 32.34 22.61
C PHE B 202 31.46 30.92 22.10
N ASP B 203 30.84 30.09 22.94
CA ASP B 203 30.60 28.69 22.58
C ASP B 203 29.12 28.31 22.53
N LEU B 204 28.58 28.25 21.31
CA LEU B 204 27.19 27.91 21.12
C LEU B 204 27.05 26.62 20.31
N GLY B 205 26.48 25.58 20.91
CA GLY B 205 26.35 24.35 20.16
C GLY B 205 25.65 23.19 20.81
N GLY B 206 24.71 22.59 20.07
CA GLY B 206 23.98 21.45 20.58
C GLY B 206 22.79 21.79 21.44
N GLY B 207 23.01 21.78 22.76
CA GLY B 207 21.94 22.07 23.68
C GLY B 207 22.36 23.12 24.70
N THR B 208 23.66 23.43 24.74
CA THR B 208 24.15 24.41 25.69
C THR B 208 24.92 25.55 25.03
N PHE B 209 24.89 26.70 25.69
CA PHE B 209 25.58 27.90 25.19
C PHE B 209 26.47 28.40 26.31
N ASP B 210 27.79 28.45 26.05
CA ASP B 210 28.73 28.91 27.07
C ASP B 210 29.65 30.06 26.63
N VAL B 211 29.82 31.02 27.52
CA VAL B 211 30.70 32.16 27.27
C VAL B 211 31.75 32.12 28.35
N SER B 212 33.01 32.23 27.95
CA SER B 212 34.09 32.20 28.91
C SER B 212 35.08 33.30 28.61
N ILE B 213 35.60 33.91 29.65
CA ILE B 213 36.59 34.97 29.47
C ILE B 213 37.86 34.50 30.14
N LEU B 214 38.96 34.60 29.41
CA LEU B 214 40.23 34.18 29.95
C LEU B 214 41.24 35.29 29.82
N THR B 215 42.27 35.24 30.64
CA THR B 215 43.33 36.19 30.55
C THR B 215 44.55 35.35 30.31
N ILE B 216 45.24 35.60 29.21
CA ILE B 216 46.44 34.85 28.90
C ILE B 216 47.63 35.76 29.17
N ASP B 217 48.39 35.42 30.21
CA ASP B 217 49.56 36.19 30.58
C ASP B 217 50.76 35.30 30.32
N ASP B 218 51.39 35.52 29.16
CA ASP B 218 52.55 34.75 28.76
C ASP B 218 52.29 33.26 29.01
N GLY B 219 51.58 32.64 28.07
CA GLY B 219 51.28 31.22 28.17
C GLY B 219 50.41 30.76 29.34
N ILE B 220 50.24 31.60 30.35
CA ILE B 220 49.43 31.23 31.51
C ILE B 220 47.97 31.64 31.35
N PHE B 221 47.08 30.65 31.43
CA PHE B 221 45.64 30.89 31.30
C PHE B 221 44.94 31.03 32.64
N GLU B 222 44.04 32.00 32.75
CA GLU B 222 43.31 32.20 33.98
C GLU B 222 41.85 32.55 33.74
N VAL B 223 40.94 31.68 34.18
CA VAL B 223 39.52 31.94 33.99
C VAL B 223 39.07 33.13 34.80
N LYS B 224 38.49 34.11 34.13
CA LYS B 224 38.02 35.30 34.81
C LYS B 224 36.53 35.25 35.09
N ALA B 225 35.78 34.61 34.20
CA ALA B 225 34.35 34.51 34.39
C ALA B 225 33.72 33.61 33.34
N THR B 226 32.52 33.13 33.61
CA THR B 226 31.79 32.30 32.68
C THR B 226 30.33 32.64 32.87
N ALA B 227 29.54 32.46 31.82
CA ALA B 227 28.12 32.73 31.85
C ALA B 227 27.59 31.99 30.64
N GLY B 228 26.28 31.78 30.59
CA GLY B 228 25.70 31.08 29.47
C GLY B 228 24.22 30.83 29.62
N ASP B 229 23.72 29.87 28.84
CA ASP B 229 22.32 29.47 28.84
C ASP B 229 22.42 27.96 28.70
N THR B 230 22.01 27.24 29.75
CA THR B 230 22.11 25.80 29.74
C THR B 230 21.19 25.03 28.80
N HIS B 231 20.15 25.70 28.30
CA HIS B 231 19.23 25.04 27.37
C HIS B 231 19.02 25.84 26.09
N LEU B 232 20.12 26.37 25.57
CA LEU B 232 20.15 27.14 24.34
C LEU B 232 21.17 26.43 23.46
N GLY B 233 20.77 26.07 22.25
CA GLY B 233 21.67 25.38 21.36
C GLY B 233 21.14 25.21 19.95
N GLY B 234 22.00 24.73 19.05
CA GLY B 234 21.61 24.53 17.68
C GLY B 234 20.30 23.80 17.47
N GLU B 235 19.96 22.91 18.40
CA GLU B 235 18.73 22.14 18.31
C GLU B 235 17.48 23.01 18.43
N ASP B 236 17.60 24.10 19.18
CA ASP B 236 16.49 25.03 19.38
C ASP B 236 16.13 25.71 18.06
N PHE B 237 17.15 26.11 17.32
CA PHE B 237 16.96 26.74 16.03
C PHE B 237 16.27 25.74 15.12
N ASP B 238 16.72 24.49 15.19
CA ASP B 238 16.14 23.41 14.40
C ASP B 238 14.65 23.29 14.73
N ASN B 239 14.34 23.22 16.02
CA ASN B 239 12.96 23.08 16.45
C ASN B 239 12.09 24.21 15.89
N ARG B 240 12.64 25.42 15.84
CA ARG B 240 11.89 26.55 15.32
C ARG B 240 11.54 26.35 13.85
N LEU B 241 12.49 25.83 13.07
CA LEU B 241 12.25 25.57 11.65
C LEU B 241 11.22 24.46 11.53
N VAL B 242 11.32 23.47 12.41
CA VAL B 242 10.37 22.36 12.39
C VAL B 242 9.00 22.92 12.67
N ASN B 243 8.80 23.44 13.88
CA ASN B 243 7.52 24.03 14.26
C ASN B 243 6.98 24.89 13.13
N HIS B 244 7.89 25.62 12.48
CA HIS B 244 7.52 26.50 11.38
C HIS B 244 6.88 25.71 10.24
N PHE B 245 7.53 24.63 9.83
CA PHE B 245 7.02 23.84 8.73
C PHE B 245 5.85 22.92 9.07
N VAL B 246 5.64 22.64 10.35
CA VAL B 246 4.51 21.80 10.75
C VAL B 246 3.28 22.68 10.57
N GLU B 247 3.33 23.87 11.17
CA GLU B 247 2.23 24.81 11.06
C GLU B 247 1.99 25.14 9.59
N GLU B 248 3.07 25.25 8.82
CA GLU B 248 2.92 25.54 7.40
C GLU B 248 2.24 24.37 6.69
N PHE B 249 2.41 23.17 7.22
CA PHE B 249 1.78 22.02 6.59
C PHE B 249 0.28 22.06 6.89
N LYS B 250 -0.08 22.47 8.09
CA LYS B 250 -1.48 22.56 8.49
C LYS B 250 -2.19 23.69 7.72
N ARG B 251 -1.41 24.49 7.01
CA ARG B 251 -1.95 25.60 6.23
C ARG B 251 -2.32 25.16 4.83
N LYS B 252 -1.38 24.50 4.16
CA LYS B 252 -1.58 24.04 2.79
C LYS B 252 -2.24 22.68 2.66
N HIS B 253 -2.41 21.97 3.77
CA HIS B 253 -3.00 20.64 3.69
C HIS B 253 -3.97 20.29 4.80
N LYS B 254 -4.13 21.18 5.77
CA LYS B 254 -5.06 20.99 6.88
C LYS B 254 -4.87 19.69 7.64
N LYS B 255 -3.64 19.40 8.07
CA LYS B 255 -3.36 18.19 8.83
C LYS B 255 -2.17 18.40 9.76
N ASP B 256 -2.13 17.63 10.84
CA ASP B 256 -1.04 17.75 11.82
C ASP B 256 -0.15 16.51 11.78
N ILE B 257 1.06 16.68 11.24
CA ILE B 257 2.01 15.58 11.13
C ILE B 257 2.80 15.32 12.41
N SER B 258 2.83 16.30 13.30
CA SER B 258 3.56 16.20 14.57
C SER B 258 3.44 14.91 15.36
N GLN B 259 2.54 14.01 14.96
CA GLN B 259 2.39 12.76 15.70
C GLN B 259 2.89 11.52 14.95
N ASN B 260 3.21 11.70 13.67
CA ASN B 260 3.73 10.62 12.86
C ASN B 260 5.25 10.67 12.95
N LYS B 261 5.82 9.80 13.77
CA LYS B 261 7.27 9.75 13.99
C LYS B 261 8.14 9.90 12.74
N ARG B 262 7.96 9.01 11.77
CA ARG B 262 8.78 9.03 10.56
C ARG B 262 8.66 10.34 9.80
N ALA B 263 7.47 10.91 9.80
CA ALA B 263 7.24 12.18 9.12
C ALA B 263 8.04 13.28 9.81
N VAL B 264 7.93 13.34 11.13
CA VAL B 264 8.64 14.34 11.92
C VAL B 264 10.14 14.15 11.80
N ARG B 265 10.58 12.90 11.67
CA ARG B 265 12.00 12.62 11.55
C ARG B 265 12.52 13.14 10.23
N ARG B 266 11.78 12.88 9.17
CA ARG B 266 12.17 13.33 7.83
C ARG B 266 12.17 14.85 7.74
N LEU B 267 11.18 15.48 8.36
CA LEU B 267 11.11 16.94 8.33
C LEU B 267 12.26 17.54 9.12
N ARG B 268 12.51 17.02 10.31
CA ARG B 268 13.60 17.49 11.17
C ARG B 268 14.96 17.37 10.49
N THR B 269 15.20 16.30 9.77
CA THR B 269 16.47 16.14 9.09
C THR B 269 16.56 17.14 7.95
N ALA B 270 15.45 17.33 7.25
CA ALA B 270 15.42 18.29 6.15
C ALA B 270 15.71 19.69 6.68
N CYS B 271 15.15 20.00 7.84
CA CYS B 271 15.34 21.30 8.45
C CYS B 271 16.78 21.58 8.87
N GLU B 272 17.41 20.64 9.58
CA GLU B 272 18.79 20.85 10.00
C GLU B 272 19.68 20.98 8.76
N ARG B 273 19.24 20.38 7.66
CA ARG B 273 19.96 20.41 6.40
C ARG B 273 19.73 21.77 5.74
N ALA B 274 18.51 22.29 5.87
CA ALA B 274 18.17 23.59 5.30
C ALA B 274 18.86 24.70 6.11
N LYS B 275 18.93 24.50 7.42
CA LYS B 275 19.56 25.44 8.34
C LYS B 275 21.04 25.61 7.99
N ARG B 276 21.72 24.49 7.72
CA ARG B 276 23.13 24.54 7.37
C ARG B 276 23.32 25.23 6.02
N THR B 277 22.36 25.04 5.12
CA THR B 277 22.41 25.66 3.80
C THR B 277 22.24 27.17 3.93
N LEU B 278 21.37 27.59 4.85
CA LEU B 278 21.12 29.01 5.07
C LEU B 278 22.34 29.76 5.63
N SER B 279 23.38 29.02 5.96
CA SER B 279 24.60 29.63 6.50
C SER B 279 25.48 30.14 5.35
N SER B 280 25.16 29.70 4.14
CA SER B 280 25.92 30.12 2.97
C SER B 280 25.04 30.66 1.85
N SER B 281 23.72 30.46 1.94
CA SER B 281 22.80 30.96 0.94
C SER B 281 21.68 31.74 1.62
N THR B 282 21.06 32.67 0.89
CA THR B 282 19.99 33.49 1.44
C THR B 282 18.61 32.84 1.34
N GLN B 283 18.56 31.70 0.67
CA GLN B 283 17.33 30.95 0.52
C GLN B 283 17.67 29.47 0.55
N ALA B 284 16.73 28.65 0.99
CA ALA B 284 16.96 27.21 1.05
C ALA B 284 15.70 26.49 0.66
N SER B 285 15.86 25.35 -0.01
CA SER B 285 14.73 24.54 -0.45
C SER B 285 14.46 23.41 0.53
N LEU B 286 13.21 22.98 0.58
CA LEU B 286 12.82 21.89 1.46
C LEU B 286 11.79 21.08 0.70
N GLU B 287 12.23 19.95 0.18
CA GLU B 287 11.38 19.08 -0.60
C GLU B 287 11.38 17.66 -0.07
N ILE B 288 10.23 17.24 0.43
CA ILE B 288 10.08 15.90 0.95
C ILE B 288 8.93 15.21 0.22
N ASP B 289 9.26 14.15 -0.52
CA ASP B 289 8.25 13.40 -1.27
C ASP B 289 7.39 12.59 -0.32
N SER B 290 6.07 12.65 -0.52
CA SER B 290 5.13 11.87 0.28
C SER B 290 5.49 11.92 1.76
N LEU B 291 5.54 13.14 2.29
CA LEU B 291 5.88 13.36 3.68
C LEU B 291 4.81 12.83 4.64
N PHE B 292 3.55 13.02 4.27
CA PHE B 292 2.45 12.59 5.12
C PHE B 292 1.26 12.14 4.26
N GLU B 293 0.70 10.99 4.59
CA GLU B 293 -0.44 10.43 3.89
C GLU B 293 -0.44 10.67 2.38
N GLY B 294 0.71 10.41 1.76
CA GLY B 294 0.84 10.57 0.31
C GLY B 294 1.05 12.00 -0.16
N ILE B 295 0.80 12.95 0.74
CA ILE B 295 0.94 14.37 0.42
C ILE B 295 2.39 14.83 0.34
N ASP B 296 2.76 15.36 -0.82
CA ASP B 296 4.11 15.87 -1.03
C ASP B 296 4.25 17.22 -0.33
N PHE B 297 5.47 17.62 -0.03
CA PHE B 297 5.70 18.90 0.64
C PHE B 297 6.89 19.65 0.05
N TYR B 298 6.62 20.52 -0.90
CA TYR B 298 7.68 21.30 -1.55
C TYR B 298 7.55 22.78 -1.22
N THR B 299 8.53 23.32 -0.49
CA THR B 299 8.53 24.73 -0.12
C THR B 299 9.96 25.22 0.05
N SER B 300 10.12 26.35 0.72
CA SER B 300 11.44 26.90 0.95
C SER B 300 11.36 27.99 1.99
N ILE B 301 12.53 28.45 2.44
CA ILE B 301 12.60 29.49 3.44
C ILE B 301 13.85 30.32 3.14
N THR B 302 13.82 31.59 3.53
CA THR B 302 14.94 32.49 3.29
C THR B 302 15.67 32.80 4.59
N ARG B 303 16.94 33.16 4.45
CA ARG B 303 17.74 33.50 5.61
C ARG B 303 16.97 34.48 6.50
N ALA B 304 16.40 35.52 5.87
CA ALA B 304 15.64 36.52 6.60
C ALA B 304 14.55 35.92 7.47
N ARG B 305 13.74 35.03 6.89
CA ARG B 305 12.64 34.39 7.60
C ARG B 305 13.17 33.52 8.73
N PHE B 306 14.29 32.85 8.48
CA PHE B 306 14.92 31.97 9.46
C PHE B 306 15.39 32.80 10.64
N GLU B 307 16.05 33.90 10.34
CA GLU B 307 16.55 34.80 11.36
C GLU B 307 15.42 35.37 12.19
N GLU B 308 14.35 35.83 11.54
CA GLU B 308 13.19 36.38 12.24
C GLU B 308 12.63 35.33 13.19
N LEU B 309 12.64 34.09 12.70
CA LEU B 309 12.15 32.93 13.40
C LEU B 309 12.91 32.66 14.69
N CYS B 310 14.22 32.88 14.67
CA CYS B 310 15.08 32.62 15.82
C CYS B 310 15.59 33.89 16.52
N SER B 311 15.22 35.05 15.97
CA SER B 311 15.61 36.36 16.49
C SER B 311 15.83 36.44 18.01
N ASP B 312 14.84 36.05 18.79
CA ASP B 312 14.99 36.12 20.25
C ASP B 312 16.10 35.18 20.73
N LEU B 313 16.17 33.99 20.16
CA LEU B 313 17.22 33.06 20.55
C LEU B 313 18.58 33.68 20.25
N PHE B 314 18.72 34.21 19.04
CA PHE B 314 19.98 34.82 18.61
C PHE B 314 20.44 35.98 19.47
N ARG B 315 19.54 36.92 19.73
CA ARG B 315 19.86 38.10 20.53
C ARG B 315 20.17 37.78 22.00
N SER B 316 19.57 36.71 22.50
CA SER B 316 19.76 36.29 23.89
C SER B 316 21.20 35.88 24.19
N THR B 317 21.91 35.40 23.17
CA THR B 317 23.29 34.97 23.37
C THR B 317 24.21 36.09 23.87
N LEU B 318 23.74 37.33 23.78
CA LEU B 318 24.55 38.47 24.21
C LEU B 318 24.43 38.80 25.69
N GLU B 319 23.36 38.31 26.32
CA GLU B 319 23.17 38.58 27.75
C GLU B 319 24.31 37.97 28.58
N PRO B 320 24.61 36.68 28.37
CA PRO B 320 25.68 36.03 29.13
C PRO B 320 27.01 36.76 28.90
N VAL B 321 27.18 37.30 27.70
CA VAL B 321 28.41 38.03 27.38
C VAL B 321 28.51 39.23 28.31
N GLU B 322 27.40 39.93 28.50
CA GLU B 322 27.37 41.09 29.38
C GLU B 322 27.55 40.64 30.83
N LYS B 323 26.90 39.53 31.21
CA LYS B 323 27.02 39.01 32.57
C LYS B 323 28.48 38.65 32.80
N ALA B 324 29.10 38.06 31.78
CA ALA B 324 30.50 37.66 31.87
C ALA B 324 31.40 38.87 32.03
N LEU B 325 31.21 39.89 31.19
CA LEU B 325 32.04 41.09 31.26
C LEU B 325 31.91 41.73 32.64
N ARG B 326 30.70 41.69 33.20
CA ARG B 326 30.46 42.27 34.51
C ARG B 326 31.21 41.48 35.59
N ASP B 327 31.06 40.16 35.58
CA ASP B 327 31.72 39.31 36.55
C ASP B 327 33.24 39.37 36.49
N ALA B 328 33.78 39.74 35.33
CA ALA B 328 35.23 39.81 35.16
C ALA B 328 35.79 41.21 35.37
N LYS B 329 34.92 42.17 35.65
CA LYS B 329 35.36 43.55 35.85
C LYS B 329 36.04 44.06 34.57
N LEU B 330 35.46 43.71 33.42
CA LEU B 330 36.01 44.12 32.13
C LEU B 330 34.92 44.77 31.27
N ASP B 331 35.35 45.55 30.26
CA ASP B 331 34.43 46.21 29.35
C ASP B 331 34.62 45.68 27.93
N LYS B 332 33.56 45.73 27.12
CA LYS B 332 33.59 45.24 25.75
C LYS B 332 34.95 45.46 25.10
N ALA B 333 35.37 46.73 25.08
CA ALA B 333 36.64 47.13 24.48
C ALA B 333 37.89 46.55 25.12
N GLN B 334 37.76 46.03 26.34
CA GLN B 334 38.91 45.48 27.02
C GLN B 334 39.24 44.04 26.62
N ILE B 335 38.46 43.49 25.70
CA ILE B 335 38.67 42.14 25.20
C ILE B 335 39.51 42.27 23.93
N HIS B 336 40.60 41.54 23.86
CA HIS B 336 41.47 41.60 22.69
C HIS B 336 41.07 40.62 21.60
N ASP B 337 40.85 39.36 21.98
CA ASP B 337 40.50 38.34 21.02
C ASP B 337 39.17 37.67 21.28
N LEU B 338 38.50 37.28 20.20
CA LEU B 338 37.22 36.61 20.28
C LEU B 338 37.34 35.28 19.55
N VAL B 339 37.16 34.18 20.27
CA VAL B 339 37.25 32.84 19.67
C VAL B 339 35.87 32.24 19.49
N LEU B 340 35.61 31.71 18.30
CA LEU B 340 34.32 31.08 17.99
C LEU B 340 34.41 29.55 17.97
N VAL B 341 33.46 28.92 18.65
CA VAL B 341 33.38 27.46 18.72
C VAL B 341 31.92 27.03 18.82
N GLY B 342 31.61 25.87 18.25
CA GLY B 342 30.24 25.39 18.26
C GLY B 342 29.75 25.46 16.84
N GLY B 343 29.03 24.42 16.41
CA GLY B 343 28.53 24.38 15.05
C GLY B 343 27.59 25.51 14.69
N SER B 344 26.87 26.02 15.67
CA SER B 344 25.91 27.08 15.41
C SER B 344 26.52 28.46 15.21
N THR B 345 27.82 28.61 15.48
CA THR B 345 28.44 29.91 15.28
C THR B 345 28.74 30.14 13.81
N ARG B 346 28.39 29.17 12.97
CA ARG B 346 28.58 29.30 11.52
C ARG B 346 27.42 30.18 11.04
N ILE B 347 26.32 30.15 11.78
CA ILE B 347 25.16 30.95 11.41
C ILE B 347 25.63 32.39 11.29
N PRO B 348 25.63 32.94 10.07
CA PRO B 348 26.07 34.32 9.83
C PRO B 348 25.46 35.37 10.75
N LYS B 349 24.17 35.25 11.04
CA LYS B 349 23.51 36.22 11.92
C LYS B 349 24.21 36.23 13.27
N VAL B 350 24.44 35.04 13.82
CA VAL B 350 25.10 34.91 15.10
C VAL B 350 26.41 35.69 15.12
N GLN B 351 27.21 35.51 14.06
CA GLN B 351 28.50 36.20 13.98
C GLN B 351 28.36 37.72 13.94
N LYS B 352 27.35 38.21 13.24
CA LYS B 352 27.13 39.63 13.11
C LYS B 352 26.67 40.28 14.43
N LEU B 353 25.96 39.53 15.26
CA LEU B 353 25.50 40.09 16.53
C LEU B 353 26.67 40.26 17.49
N LEU B 354 27.55 39.27 17.53
CA LEU B 354 28.71 39.29 18.41
C LEU B 354 29.71 40.33 17.91
N GLN B 355 29.92 40.34 16.60
CA GLN B 355 30.83 41.29 15.98
C GLN B 355 30.36 42.72 16.19
N ASP B 356 29.07 42.98 15.97
CA ASP B 356 28.56 44.33 16.18
C ASP B 356 28.69 44.73 17.64
N PHE B 357 28.52 43.74 18.53
CA PHE B 357 28.61 43.95 19.97
C PHE B 357 29.99 44.43 20.38
N PHE B 358 31.01 43.93 19.70
CA PHE B 358 32.40 44.31 19.96
C PHE B 358 32.93 45.23 18.87
N ASN B 359 32.11 46.19 18.47
CA ASN B 359 32.45 47.18 17.45
C ASN B 359 33.33 46.74 16.29
N GLY B 360 32.90 45.72 15.56
CA GLY B 360 33.67 45.26 14.41
C GLY B 360 34.86 44.38 14.67
N ARG B 361 35.16 44.12 15.94
CA ARG B 361 36.29 43.27 16.32
C ARG B 361 36.33 42.00 15.47
N ASP B 362 37.54 41.59 15.09
CA ASP B 362 37.72 40.38 14.29
C ASP B 362 37.36 39.17 15.15
N LEU B 363 36.83 38.13 14.50
CA LEU B 363 36.47 36.92 15.20
C LEU B 363 37.33 35.78 14.68
N ASN B 364 37.94 35.04 15.59
CA ASN B 364 38.78 33.91 15.24
C ASN B 364 37.82 32.75 14.97
N LYS B 365 37.78 32.28 13.73
CA LYS B 365 36.86 31.20 13.38
C LYS B 365 37.31 30.34 12.19
N SER B 366 38.55 30.50 11.76
CA SER B 366 39.04 29.71 10.64
C SER B 366 39.01 28.22 10.95
N ILE B 367 39.27 27.87 12.21
CA ILE B 367 39.25 26.48 12.61
C ILE B 367 37.81 26.04 12.79
N ASN B 368 37.43 24.93 12.16
CA ASN B 368 36.06 24.43 12.27
C ASN B 368 35.61 24.56 13.72
N PRO B 369 34.50 25.29 13.95
CA PRO B 369 33.97 25.49 15.31
C PRO B 369 33.61 24.19 16.01
N ASP B 370 33.05 23.24 15.24
CA ASP B 370 32.66 21.95 15.78
C ASP B 370 33.85 21.12 16.27
N GLU B 371 35.07 21.60 16.05
CA GLU B 371 36.23 20.83 16.49
C GLU B 371 37.43 21.65 16.89
N ALA B 372 37.20 22.86 17.41
CA ALA B 372 38.31 23.70 17.85
C ALA B 372 38.74 23.13 19.19
N VAL B 373 37.75 22.83 20.01
CA VAL B 373 37.97 22.24 21.34
C VAL B 373 38.81 20.99 21.16
N ALA B 374 38.23 20.00 20.47
CA ALA B 374 38.91 18.74 20.24
C ALA B 374 40.31 19.01 19.68
N TYR B 375 40.39 19.93 18.73
CA TYR B 375 41.66 20.30 18.12
C TYR B 375 42.65 20.72 19.20
N GLY B 376 42.35 21.81 19.89
CA GLY B 376 43.24 22.28 20.95
C GLY B 376 43.59 21.21 21.97
N ALA B 377 42.62 20.35 22.30
CA ALA B 377 42.84 19.26 23.24
C ALA B 377 43.85 18.29 22.64
N ALA B 378 43.65 17.97 21.36
CA ALA B 378 44.55 17.06 20.67
C ALA B 378 45.97 17.62 20.70
N VAL B 379 46.07 18.93 20.54
CA VAL B 379 47.38 19.60 20.56
C VAL B 379 48.01 19.44 21.93
N GLN B 380 47.19 19.54 22.96
CA GLN B 380 47.68 19.42 24.33
C GLN B 380 48.04 17.97 24.67
N ALA B 381 47.19 17.03 24.26
CA ALA B 381 47.46 15.62 24.52
C ALA B 381 48.86 15.29 24.03
N ALA B 382 49.20 15.78 22.84
CA ALA B 382 50.50 15.54 22.25
C ALA B 382 51.59 16.30 23.03
N ILE B 383 51.42 17.61 23.17
CA ILE B 383 52.40 18.44 23.88
C ILE B 383 52.80 17.83 25.21
N LEU B 384 51.83 17.28 25.94
CA LEU B 384 52.13 16.67 27.23
C LEU B 384 53.20 15.59 27.12
N MET B 385 54.45 16.01 27.21
CA MET B 385 55.59 15.10 27.13
C MET B 385 56.81 15.71 27.81
N LYS C 16 7.60 -17.80 26.68
CA LYS C 16 7.35 -16.40 27.10
C LYS C 16 5.89 -15.99 26.85
N GLU C 17 5.56 -15.62 25.62
CA GLU C 17 4.21 -15.20 25.29
C GLU C 17 3.58 -15.94 24.12
N ALA C 18 2.65 -16.84 24.44
CA ALA C 18 1.95 -17.64 23.45
C ALA C 18 0.57 -17.07 23.20
N LEU C 19 0.53 -15.86 22.66
CA LEU C 19 -0.73 -15.21 22.35
C LEU C 19 -0.66 -14.65 20.94
N GLU C 20 -1.07 -15.46 19.97
CA GLU C 20 -1.05 -15.01 18.58
C GLU C 20 -1.96 -13.80 18.46
N LYS C 21 -1.35 -12.62 18.31
CA LYS C 21 -2.13 -11.39 18.18
C LYS C 21 -1.93 -10.70 16.84
N ARG C 22 -1.19 -11.31 15.93
CA ARG C 22 -0.95 -10.70 14.62
C ARG C 22 -2.23 -10.67 13.81
N LYS C 23 -2.73 -9.46 13.55
CA LYS C 23 -3.96 -9.26 12.80
C LYS C 23 -4.10 -10.13 11.56
N LEU C 24 -2.99 -10.37 10.87
CA LEU C 24 -3.03 -11.16 9.64
C LEU C 24 -3.28 -12.66 9.86
N PHE C 25 -2.67 -13.22 10.91
CA PHE C 25 -2.81 -14.64 11.18
C PHE C 25 -3.58 -14.95 12.46
N ALA C 26 -4.31 -13.98 12.99
CA ALA C 26 -5.06 -14.20 14.23
C ALA C 26 -6.37 -14.99 14.06
N CYS C 27 -7.00 -14.90 12.91
CA CYS C 27 -8.24 -15.62 12.64
C CYS C 27 -8.00 -17.11 12.88
N GLU C 28 -8.90 -17.74 13.65
CA GLU C 28 -8.76 -19.16 13.96
C GLU C 28 -10.07 -19.93 13.95
N GLU C 29 -11.19 -19.24 13.78
CA GLU C 29 -12.49 -19.90 13.77
C GLU C 29 -12.51 -21.00 12.69
N HIS C 30 -13.69 -21.42 12.26
CA HIS C 30 -13.77 -22.48 11.26
C HIS C 30 -13.88 -22.04 9.80
N PRO C 31 -14.96 -21.34 9.43
CA PRO C 31 -15.05 -20.94 8.02
C PRO C 31 -14.00 -19.91 7.58
N SER C 32 -14.04 -18.73 8.18
CA SER C 32 -13.11 -17.65 7.84
C SER C 32 -11.65 -18.07 7.87
N HIS C 33 -11.26 -18.78 8.92
CA HIS C 33 -9.88 -19.25 9.08
C HIS C 33 -9.29 -19.90 7.84
N LYS C 34 -10.07 -20.75 7.18
CA LYS C 34 -9.58 -21.47 6.01
C LYS C 34 -9.51 -20.62 4.75
N ALA C 35 -10.60 -19.94 4.41
CA ALA C 35 -10.60 -19.10 3.22
C ALA C 35 -9.49 -18.05 3.30
N VAL C 36 -9.30 -17.48 4.49
CA VAL C 36 -8.27 -16.47 4.73
C VAL C 36 -6.88 -17.04 4.57
N TRP C 37 -6.65 -18.22 5.14
CA TRP C 37 -5.36 -18.89 5.05
C TRP C 37 -5.03 -19.30 3.61
N ASN C 38 -6.06 -19.54 2.81
CA ASN C 38 -5.87 -19.93 1.43
C ASN C 38 -5.40 -18.74 0.61
N VAL C 39 -6.10 -17.63 0.79
CA VAL C 39 -5.78 -16.40 0.09
C VAL C 39 -4.34 -15.99 0.39
N LEU C 40 -3.94 -16.18 1.63
CA LEU C 40 -2.59 -15.81 2.04
C LEU C 40 -1.53 -16.59 1.27
N GLY C 41 -1.80 -17.86 1.01
CA GLY C 41 -0.86 -18.66 0.25
C GLY C 41 -0.89 -18.16 -1.18
N ASN C 42 -2.09 -17.88 -1.66
CA ASN C 42 -2.29 -17.37 -3.00
C ASN C 42 -1.50 -16.07 -3.16
N LEU C 43 -1.69 -15.14 -2.23
CA LEU C 43 -0.98 -13.87 -2.28
C LEU C 43 0.53 -14.07 -2.19
N SER C 44 0.95 -15.09 -1.45
CA SER C 44 2.38 -15.36 -1.31
C SER C 44 2.97 -15.81 -2.65
N GLU C 45 2.28 -16.69 -3.35
CA GLU C 45 2.74 -17.17 -4.65
C GLU C 45 2.77 -15.97 -5.60
N ILE C 46 1.64 -15.30 -5.74
CA ILE C 46 1.53 -14.13 -6.60
C ILE C 46 2.61 -13.08 -6.35
N GLN C 47 2.82 -12.72 -5.08
CA GLN C 47 3.82 -11.71 -4.75
C GLN C 47 5.20 -12.07 -5.27
N GLY C 48 5.47 -13.36 -5.37
CA GLY C 48 6.75 -13.79 -5.86
C GLY C 48 6.90 -13.30 -7.28
N GLU C 49 5.85 -13.46 -8.07
CA GLU C 49 5.86 -13.02 -9.46
C GLU C 49 5.95 -11.50 -9.55
N VAL C 50 5.20 -10.82 -8.71
CA VAL C 50 5.22 -9.36 -8.70
C VAL C 50 6.62 -8.86 -8.37
N LEU C 51 7.14 -9.31 -7.24
CA LEU C 51 8.46 -8.92 -6.76
C LEU C 51 9.55 -9.05 -7.82
N SER C 52 9.33 -9.93 -8.78
CA SER C 52 10.30 -10.15 -9.85
C SER C 52 9.73 -9.77 -11.21
N PHE C 53 8.72 -8.90 -11.21
CA PHE C 53 8.09 -8.44 -12.44
C PHE C 53 8.91 -7.31 -13.06
N ASP C 54 8.90 -7.26 -14.39
CA ASP C 54 9.64 -6.23 -15.13
C ASP C 54 8.87 -5.87 -16.39
N GLY C 55 8.29 -4.66 -16.41
CA GLY C 55 7.55 -4.22 -17.58
C GLY C 55 6.60 -3.08 -17.21
N ASN C 56 5.81 -2.61 -18.17
CA ASN C 56 4.88 -1.53 -17.89
C ASN C 56 3.45 -2.07 -17.77
N ARG C 57 2.49 -1.17 -17.58
CA ARG C 57 1.10 -1.57 -17.42
C ARG C 57 0.43 -2.17 -18.65
N THR C 58 1.19 -2.32 -19.73
CA THR C 58 0.66 -2.91 -20.95
C THR C 58 1.21 -4.32 -21.13
N ASP C 59 2.24 -4.65 -20.35
CA ASP C 59 2.85 -5.97 -20.42
C ASP C 59 1.86 -7.06 -20.03
N LYS C 60 2.03 -8.23 -20.64
CA LYS C 60 1.21 -9.42 -20.39
C LYS C 60 1.10 -9.64 -18.87
N ASN C 61 2.24 -9.86 -18.25
CA ASN C 61 2.35 -10.12 -16.82
C ASN C 61 1.63 -9.12 -15.91
N TYR C 62 1.67 -7.83 -16.26
CA TYR C 62 1.00 -6.84 -15.42
C TYR C 62 -0.51 -7.08 -15.40
N ILE C 63 -1.09 -7.34 -16.56
CA ILE C 63 -2.52 -7.54 -16.63
C ILE C 63 -2.97 -8.81 -15.94
N ARG C 64 -2.22 -9.89 -16.09
CA ARG C 64 -2.59 -11.14 -15.47
C ARG C 64 -2.38 -11.10 -13.96
N LEU C 65 -1.28 -10.47 -13.53
CA LEU C 65 -1.01 -10.40 -12.11
C LEU C 65 -2.03 -9.53 -11.40
N GLU C 66 -2.48 -8.49 -12.08
CA GLU C 66 -3.45 -7.56 -11.51
C GLU C 66 -4.80 -8.23 -11.28
N GLU C 67 -5.42 -8.69 -12.35
CA GLU C 67 -6.72 -9.36 -12.29
C GLU C 67 -6.61 -10.51 -11.29
N LEU C 68 -5.51 -11.24 -11.41
CA LEU C 68 -5.23 -12.36 -10.54
C LEU C 68 -5.14 -11.90 -9.07
N LEU C 69 -4.67 -10.68 -8.85
CA LEU C 69 -4.56 -10.13 -7.50
C LEU C 69 -5.97 -9.69 -7.14
N THR C 70 -6.74 -9.35 -8.17
CA THR C 70 -8.10 -8.91 -7.97
C THR C 70 -9.02 -10.09 -7.64
N LYS C 71 -8.63 -11.29 -8.09
CA LYS C 71 -9.44 -12.47 -7.79
C LYS C 71 -9.33 -12.81 -6.32
N GLN C 72 -8.20 -12.47 -5.72
CA GLN C 72 -8.01 -12.74 -4.31
C GLN C 72 -8.82 -11.71 -3.51
N LEU C 73 -8.84 -10.46 -3.96
CA LEU C 73 -9.60 -9.44 -3.26
C LEU C 73 -11.06 -9.89 -3.25
N LEU C 74 -11.53 -10.43 -4.37
CA LEU C 74 -12.90 -10.89 -4.46
C LEU C 74 -13.14 -12.05 -3.51
N ALA C 75 -12.19 -12.97 -3.43
CA ALA C 75 -12.31 -14.10 -2.54
C ALA C 75 -12.51 -13.58 -1.12
N LEU C 76 -11.60 -12.71 -0.69
CA LEU C 76 -11.66 -12.12 0.63
C LEU C 76 -13.01 -11.47 0.92
N ASP C 77 -13.60 -10.85 -0.10
CA ASP C 77 -14.88 -10.19 0.08
C ASP C 77 -16.03 -11.16 0.35
N ALA C 78 -15.86 -12.41 -0.07
CA ALA C 78 -16.89 -13.43 0.12
C ALA C 78 -16.79 -14.10 1.49
N VAL C 79 -15.86 -13.64 2.31
CA VAL C 79 -15.69 -14.22 3.63
C VAL C 79 -16.65 -13.59 4.64
N ASP C 80 -17.25 -14.44 5.46
CA ASP C 80 -18.18 -14.02 6.49
C ASP C 80 -17.59 -14.38 7.85
N PRO C 81 -17.02 -13.39 8.56
CA PRO C 81 -16.40 -13.61 9.87
C PRO C 81 -17.41 -13.93 11.00
N GLN C 82 -18.69 -13.84 10.67
CA GLN C 82 -19.73 -14.13 11.65
C GLN C 82 -19.58 -13.25 12.90
N GLY C 83 -18.89 -12.12 12.74
CA GLY C 83 -18.71 -11.21 13.85
C GLY C 83 -17.45 -11.30 14.68
N GLU C 84 -16.85 -12.49 14.76
CA GLU C 84 -15.63 -12.65 15.55
C GLU C 84 -14.56 -11.62 15.16
N GLU C 85 -14.15 -10.83 16.13
CA GLU C 85 -13.15 -9.78 15.93
C GLU C 85 -11.88 -10.21 15.17
N LYS C 86 -11.27 -11.30 15.60
CA LYS C 86 -10.04 -11.78 15.00
C LYS C 86 -10.10 -12.08 13.51
N CYS C 87 -11.22 -12.64 13.04
CA CYS C 87 -11.34 -12.93 11.61
C CYS C 87 -11.78 -11.71 10.84
N LYS C 88 -12.54 -10.85 11.50
CA LYS C 88 -13.01 -9.64 10.86
C LYS C 88 -11.78 -8.79 10.54
N ALA C 89 -10.80 -8.83 11.44
CA ALA C 89 -9.55 -8.07 11.29
C ALA C 89 -8.54 -8.76 10.38
N ALA C 90 -8.52 -10.09 10.42
CA ALA C 90 -7.60 -10.85 9.58
C ALA C 90 -7.98 -10.68 8.11
N ARG C 91 -9.28 -10.64 7.83
CA ARG C 91 -9.74 -10.47 6.47
C ARG C 91 -9.27 -9.11 5.96
N LYS C 92 -9.58 -8.07 6.72
CA LYS C 92 -9.20 -6.71 6.36
C LYS C 92 -7.69 -6.58 6.24
N GLN C 93 -6.95 -7.28 7.09
CA GLN C 93 -5.50 -7.19 7.02
C GLN C 93 -5.04 -7.85 5.71
N ALA C 94 -5.68 -8.96 5.35
CA ALA C 94 -5.34 -9.67 4.12
C ALA C 94 -5.69 -8.81 2.90
N VAL C 95 -6.83 -8.14 2.97
CA VAL C 95 -7.27 -7.24 1.90
C VAL C 95 -6.19 -6.17 1.71
N ARG C 96 -5.77 -5.57 2.82
CA ARG C 96 -4.77 -4.53 2.76
C ARG C 96 -3.43 -5.07 2.29
N LEU C 97 -3.18 -6.35 2.54
CA LEU C 97 -1.93 -6.96 2.11
C LEU C 97 -1.95 -7.07 0.58
N ALA C 98 -3.08 -7.54 0.05
CA ALA C 98 -3.24 -7.70 -1.39
C ALA C 98 -3.12 -6.32 -2.06
N GLN C 99 -3.74 -5.31 -1.47
CA GLN C 99 -3.66 -3.96 -2.01
C GLN C 99 -2.23 -3.45 -1.91
N ASN C 100 -1.48 -3.95 -0.93
CA ASN C 100 -0.09 -3.54 -0.78
C ASN C 100 0.74 -4.13 -1.91
N ILE C 101 0.40 -5.34 -2.34
CA ILE C 101 1.12 -6.02 -3.41
C ILE C 101 0.72 -5.38 -4.73
N LEU C 102 -0.52 -4.94 -4.80
CA LEU C 102 -1.03 -4.29 -5.99
C LEU C 102 -0.31 -2.95 -6.15
N SER C 103 -0.13 -2.27 -5.03
CA SER C 103 0.52 -0.97 -5.01
C SER C 103 1.96 -1.13 -5.48
N TYR C 104 2.60 -2.24 -5.10
CA TYR C 104 3.98 -2.50 -5.51
C TYR C 104 4.03 -2.71 -7.02
N LEU C 105 3.10 -3.50 -7.55
CA LEU C 105 3.06 -3.76 -8.99
C LEU C 105 2.87 -2.45 -9.74
N ASP C 106 1.95 -1.63 -9.25
CA ASP C 106 1.66 -0.33 -9.87
C ASP C 106 2.83 0.65 -9.83
N LEU C 107 3.58 0.66 -8.74
CA LEU C 107 4.71 1.57 -8.59
C LEU C 107 5.86 1.20 -9.53
N LYS C 108 6.11 -0.09 -9.71
CA LYS C 108 7.19 -0.55 -10.57
C LYS C 108 6.87 -0.50 -12.06
N SER C 109 5.59 -0.30 -12.38
CA SER C 109 5.14 -0.26 -13.77
C SER C 109 4.66 1.12 -14.20
N ASP C 110 4.35 1.98 -13.23
CA ASP C 110 3.84 3.31 -13.54
C ASP C 110 4.84 4.14 -14.35
N GLU C 111 4.34 4.81 -15.38
CA GLU C 111 5.18 5.65 -16.21
C GLU C 111 4.57 7.04 -16.27
N TRP C 112 5.43 8.05 -16.40
CA TRP C 112 4.96 9.43 -16.44
C TRP C 112 4.01 9.70 -17.59
N GLU C 113 3.10 10.64 -17.37
CA GLU C 113 2.09 11.02 -18.34
C GLU C 113 2.67 11.95 -19.41
N TYR C 114 3.28 13.04 -18.96
CA TYR C 114 3.85 14.02 -19.88
C TYR C 114 5.31 14.35 -19.55
N LEU D 15 2.50 -2.18 -32.29
CA LEU D 15 3.70 -1.43 -31.82
C LEU D 15 3.42 -0.84 -30.44
N LYS D 16 4.45 -0.77 -29.61
CA LYS D 16 4.30 -0.22 -28.26
C LYS D 16 5.54 0.59 -27.85
N GLU D 17 5.56 1.03 -26.59
CA GLU D 17 6.65 1.84 -26.06
C GLU D 17 8.05 1.27 -26.28
N ALA D 18 8.97 2.14 -26.64
CA ALA D 18 10.36 1.76 -26.89
C ALA D 18 11.33 2.53 -26.01
N LEU D 19 10.80 3.51 -25.29
CA LEU D 19 11.61 4.32 -24.38
C LEU D 19 11.23 4.02 -22.94
N GLU D 20 12.20 4.19 -22.04
CA GLU D 20 11.98 3.97 -20.61
C GLU D 20 11.26 5.20 -20.06
N LYS D 21 9.99 5.02 -19.70
CA LYS D 21 9.19 6.11 -19.17
C LYS D 21 8.64 5.84 -17.78
N ARG D 22 9.06 4.74 -17.17
CA ARG D 22 8.58 4.37 -15.84
C ARG D 22 9.14 5.32 -14.78
N LYS D 23 8.23 5.97 -14.06
CA LYS D 23 8.60 6.93 -13.02
C LYS D 23 9.74 6.49 -12.11
N LEU D 24 9.83 5.20 -11.82
CA LEU D 24 10.89 4.72 -10.94
C LEU D 24 12.27 4.57 -11.60
N PHE D 25 12.31 4.42 -12.93
CA PHE D 25 13.58 4.22 -13.62
C PHE D 25 13.88 5.20 -14.75
N ALA D 26 13.17 6.32 -14.79
CA ALA D 26 13.37 7.31 -15.85
C ALA D 26 14.50 8.32 -15.62
N CYS D 27 15.03 8.38 -14.40
CA CYS D 27 16.10 9.32 -14.05
C CYS D 27 17.46 8.91 -14.62
N GLU D 28 18.06 9.78 -15.42
CA GLU D 28 19.36 9.49 -16.02
C GLU D 28 20.38 10.57 -15.67
N GLU D 29 19.90 11.74 -15.26
CA GLU D 29 20.79 12.84 -14.89
C GLU D 29 21.72 12.34 -13.79
N HIS D 30 23.00 12.22 -14.15
CA HIS D 30 24.05 11.71 -13.26
C HIS D 30 24.09 12.18 -11.80
N PRO D 31 24.09 13.50 -11.56
CA PRO D 31 24.13 13.98 -10.17
C PRO D 31 23.12 13.36 -9.21
N SER D 32 22.12 12.65 -9.74
CA SER D 32 21.12 12.01 -8.91
C SER D 32 20.87 10.57 -9.34
N HIS D 33 21.02 10.30 -10.64
CA HIS D 33 20.82 8.97 -11.18
C HIS D 33 21.52 7.93 -10.29
N LYS D 34 22.76 8.20 -9.90
CA LYS D 34 23.52 7.28 -9.07
C LYS D 34 22.99 7.17 -7.65
N ALA D 35 22.57 8.29 -7.08
CA ALA D 35 22.04 8.30 -5.72
C ALA D 35 20.81 7.41 -5.62
N VAL D 36 19.81 7.68 -6.46
CA VAL D 36 18.58 6.91 -6.46
C VAL D 36 18.83 5.43 -6.76
N TRP D 37 19.49 5.14 -7.87
CA TRP D 37 19.81 3.77 -8.23
C TRP D 37 20.44 3.08 -7.01
N ASN D 38 21.25 3.85 -6.29
CA ASN D 38 21.92 3.34 -5.09
C ASN D 38 20.88 2.87 -4.07
N VAL D 39 19.87 3.70 -3.85
CA VAL D 39 18.81 3.38 -2.91
C VAL D 39 17.99 2.17 -3.38
N LEU D 40 17.71 2.09 -4.68
CA LEU D 40 16.96 0.97 -5.22
C LEU D 40 17.68 -0.34 -4.93
N GLY D 41 19.00 -0.31 -5.03
CA GLY D 41 19.78 -1.50 -4.74
C GLY D 41 19.62 -1.84 -3.27
N ASN D 42 19.72 -0.81 -2.43
CA ASN D 42 19.58 -0.97 -1.00
C ASN D 42 18.22 -1.56 -0.68
N LEU D 43 17.19 -1.06 -1.34
CA LEU D 43 15.83 -1.51 -1.13
C LEU D 43 15.54 -2.93 -1.52
N SER D 44 16.02 -3.36 -2.69
CA SER D 44 15.77 -4.73 -3.10
C SER D 44 16.49 -5.69 -2.17
N GLU D 45 17.55 -5.21 -1.53
CA GLU D 45 18.32 -6.01 -0.59
C GLU D 45 17.46 -6.16 0.66
N ILE D 46 16.97 -5.03 1.14
CA ILE D 46 16.13 -4.97 2.33
C ILE D 46 14.85 -5.77 2.13
N GLN D 47 14.24 -5.64 0.95
CA GLN D 47 13.01 -6.35 0.66
C GLN D 47 13.12 -7.82 1.05
N GLY D 48 14.14 -8.48 0.53
CA GLY D 48 14.35 -9.88 0.82
C GLY D 48 14.21 -10.21 2.30
N GLU D 49 14.86 -9.44 3.15
CA GLU D 49 14.80 -9.69 4.58
C GLU D 49 13.40 -9.48 5.11
N VAL D 50 12.71 -8.48 4.57
CA VAL D 50 11.35 -8.17 4.99
C VAL D 50 10.43 -9.34 4.63
N LEU D 51 10.63 -9.91 3.45
CA LEU D 51 9.82 -11.05 3.01
C LEU D 51 10.02 -12.28 3.90
N SER D 52 11.22 -12.41 4.46
CA SER D 52 11.50 -13.55 5.32
C SER D 52 11.24 -13.23 6.79
N PHE D 53 10.80 -12.01 7.06
CA PHE D 53 10.51 -11.60 8.43
C PHE D 53 9.29 -12.31 8.97
N ASP D 54 9.31 -12.62 10.25
CA ASP D 54 8.20 -13.32 10.88
C ASP D 54 8.13 -12.95 12.34
N GLY D 55 7.21 -12.06 12.69
CA GLY D 55 7.10 -11.65 14.07
C GLY D 55 6.23 -10.42 14.24
N ASN D 56 6.37 -9.75 15.39
CA ASN D 56 5.60 -8.56 15.67
C ASN D 56 6.52 -7.35 15.80
N ARG D 57 5.94 -6.19 16.10
CA ARG D 57 6.71 -4.96 16.24
C ARG D 57 7.81 -5.00 17.32
N THR D 58 7.82 -6.05 18.12
CA THR D 58 8.81 -6.17 19.18
C THR D 58 10.07 -6.92 18.75
N ASP D 59 9.94 -7.83 17.79
CA ASP D 59 11.10 -8.58 17.32
C ASP D 59 12.17 -7.59 16.85
N LYS D 60 13.35 -7.67 17.45
CA LYS D 60 14.46 -6.78 17.10
C LYS D 60 14.72 -6.76 15.59
N ASN D 61 14.36 -7.85 14.92
CA ASN D 61 14.54 -7.94 13.49
C ASN D 61 13.67 -6.89 12.81
N TYR D 62 12.53 -6.59 13.43
CA TYR D 62 11.60 -5.61 12.91
C TYR D 62 12.14 -4.18 12.98
N ILE D 63 12.42 -3.71 14.20
CA ILE D 63 12.92 -2.37 14.38
C ILE D 63 14.18 -2.15 13.56
N ARG D 64 14.90 -3.24 13.30
CA ARG D 64 16.12 -3.17 12.50
C ARG D 64 15.73 -2.84 11.06
N LEU D 65 14.87 -3.68 10.49
CA LEU D 65 14.40 -3.50 9.12
C LEU D 65 13.66 -2.18 8.94
N GLU D 66 12.96 -1.75 9.99
CA GLU D 66 12.19 -0.52 9.95
C GLU D 66 13.12 0.69 9.93
N GLU D 67 14.23 0.60 10.66
CA GLU D 67 15.20 1.68 10.71
C GLU D 67 16.00 1.74 9.41
N LEU D 68 16.30 0.58 8.84
CA LEU D 68 17.05 0.50 7.59
C LEU D 68 16.26 1.19 6.48
N LEU D 69 14.95 0.96 6.48
CA LEU D 69 14.07 1.54 5.50
C LEU D 69 14.00 3.04 5.68
N THR D 70 13.82 3.47 6.92
CA THR D 70 13.75 4.90 7.22
C THR D 70 15.00 5.56 6.68
N LYS D 71 16.15 4.93 6.90
CA LYS D 71 17.42 5.50 6.42
C LYS D 71 17.50 5.63 4.90
N GLN D 72 16.72 4.84 4.15
CA GLN D 72 16.76 4.96 2.70
C GLN D 72 15.92 6.18 2.33
N LEU D 73 14.86 6.43 3.10
CA LEU D 73 14.02 7.59 2.85
C LEU D 73 14.80 8.86 3.12
N LEU D 74 15.64 8.84 4.15
CA LEU D 74 16.44 10.00 4.48
C LEU D 74 17.46 10.21 3.37
N ALA D 75 18.15 9.14 2.98
CA ALA D 75 19.14 9.23 1.91
C ALA D 75 18.47 9.75 0.62
N LEU D 76 17.24 9.30 0.36
CA LEU D 76 16.55 9.77 -0.84
C LEU D 76 16.22 11.26 -0.73
N ASP D 77 15.76 11.68 0.44
CA ASP D 77 15.42 13.09 0.64
C ASP D 77 16.65 13.98 0.45
N ALA D 78 17.83 13.38 0.47
CA ALA D 78 19.07 14.12 0.31
C ALA D 78 19.39 14.31 -1.17
N VAL D 79 18.62 13.66 -2.04
CA VAL D 79 18.88 13.75 -3.46
C VAL D 79 18.33 15.03 -4.09
N ASP D 80 19.23 15.83 -4.65
CA ASP D 80 18.90 17.10 -5.30
C ASP D 80 18.78 16.93 -6.82
N PRO D 81 17.54 16.77 -7.33
CA PRO D 81 17.25 16.60 -8.75
C PRO D 81 17.45 17.83 -9.65
N GLN D 82 17.94 18.92 -9.06
CA GLN D 82 18.15 20.14 -9.83
C GLN D 82 16.92 20.44 -10.67
N GLY D 83 15.75 20.22 -10.09
CA GLY D 83 14.49 20.49 -10.77
C GLY D 83 14.24 19.75 -12.07
N GLU D 84 14.98 18.67 -12.32
CA GLU D 84 14.81 17.90 -13.54
C GLU D 84 13.64 16.92 -13.38
N GLU D 85 12.68 17.01 -14.31
CA GLU D 85 11.48 16.19 -14.33
C GLU D 85 11.61 14.73 -13.88
N LYS D 86 12.08 13.88 -14.76
CA LYS D 86 12.22 12.46 -14.48
C LYS D 86 12.86 12.09 -13.13
N CYS D 87 13.95 12.74 -12.77
CA CYS D 87 14.60 12.46 -11.50
C CYS D 87 13.76 12.90 -10.32
N LYS D 88 12.93 13.91 -10.51
CA LYS D 88 12.06 14.38 -9.43
C LYS D 88 11.05 13.28 -9.17
N ALA D 89 10.60 12.64 -10.24
CA ALA D 89 9.62 11.57 -10.14
C ALA D 89 10.31 10.27 -9.70
N ALA D 90 11.51 10.03 -10.21
CA ALA D 90 12.26 8.82 -9.85
C ALA D 90 12.46 8.79 -8.34
N ARG D 91 12.97 9.89 -7.80
CA ARG D 91 13.21 9.96 -6.37
C ARG D 91 11.89 9.80 -5.63
N LYS D 92 10.85 10.44 -6.15
CA LYS D 92 9.52 10.37 -5.55
C LYS D 92 8.99 8.94 -5.57
N GLN D 93 9.30 8.22 -6.64
CA GLN D 93 8.83 6.86 -6.78
C GLN D 93 9.62 5.97 -5.82
N ALA D 94 10.94 6.17 -5.78
CA ALA D 94 11.79 5.40 -4.87
C ALA D 94 11.26 5.53 -3.44
N VAL D 95 10.87 6.74 -3.08
CA VAL D 95 10.32 7.01 -1.76
C VAL D 95 9.05 6.18 -1.57
N ARG D 96 8.26 6.06 -2.64
CA ARG D 96 7.02 5.29 -2.59
C ARG D 96 7.30 3.80 -2.49
N LEU D 97 8.38 3.37 -3.10
CA LEU D 97 8.77 1.97 -3.05
C LEU D 97 9.16 1.62 -1.60
N ALA D 98 9.97 2.48 -1.00
CA ALA D 98 10.42 2.26 0.37
C ALA D 98 9.21 2.24 1.30
N GLN D 99 8.35 3.24 1.17
CA GLN D 99 7.15 3.33 2.01
C GLN D 99 6.27 2.10 1.84
N ASN D 100 6.17 1.60 0.61
CA ASN D 100 5.38 0.41 0.33
C ASN D 100 6.02 -0.83 0.97
N ILE D 101 7.34 -0.81 1.14
CA ILE D 101 8.01 -1.95 1.77
C ILE D 101 7.81 -1.81 3.28
N LEU D 102 7.84 -0.57 3.74
CA LEU D 102 7.61 -0.29 5.14
C LEU D 102 6.21 -0.80 5.50
N SER D 103 5.24 -0.42 4.68
CA SER D 103 3.85 -0.81 4.92
C SER D 103 3.68 -2.32 4.89
N TYR D 104 4.41 -2.98 4.02
CA TYR D 104 4.33 -4.44 3.95
C TYR D 104 4.80 -4.99 5.30
N LEU D 105 5.88 -4.43 5.81
CA LEU D 105 6.46 -4.84 7.08
C LEU D 105 5.50 -4.56 8.23
N ASP D 106 4.83 -3.42 8.19
CA ASP D 106 3.89 -3.05 9.24
C ASP D 106 2.64 -3.92 9.23
N LEU D 107 2.16 -4.28 8.04
CA LEU D 107 0.96 -5.11 7.90
C LEU D 107 1.13 -6.56 8.39
N LYS D 108 2.30 -7.14 8.17
CA LYS D 108 2.53 -8.52 8.57
C LYS D 108 2.96 -8.66 10.02
N SER D 109 3.25 -7.53 10.66
CA SER D 109 3.70 -7.55 12.04
C SER D 109 2.75 -6.88 13.03
N ASP D 110 1.65 -6.34 12.54
CA ASP D 110 0.71 -5.65 13.42
C ASP D 110 -0.17 -6.62 14.21
N GLU D 111 -0.35 -6.33 15.50
CA GLU D 111 -1.18 -7.15 16.38
C GLU D 111 -2.35 -6.29 16.85
N TRP D 112 -3.43 -6.93 17.29
CA TRP D 112 -4.59 -6.17 17.78
C TRP D 112 -4.29 -5.57 19.14
N GLU D 113 -4.74 -4.33 19.33
CA GLU D 113 -4.52 -3.61 20.58
C GLU D 113 -5.43 -4.11 21.70
N TYR D 114 -6.74 -4.16 21.44
CA TYR D 114 -7.71 -4.60 22.45
C TYR D 114 -8.57 -5.78 21.98
#